data_7T6B
#
_entry.id   7T6B
#
_cell.length_a   1.00
_cell.length_b   1.00
_cell.length_c   1.00
_cell.angle_alpha   90.00
_cell.angle_beta   90.00
_cell.angle_gamma   90.00
#
_symmetry.space_group_name_H-M   'P 1'
#
loop_
_entity.id
_entity.type
_entity.pdbx_description
1 polymer 'Guanine nucleotide-binding protein subunit alpha-13'
2 polymer 'Guanine nucleotide-binding protein G(I)/G(S)/G(T) subunit beta-1'
3 polymer 'Guanine nucleotide-binding protein G(I)/G(S)/G(O) subunit gamma-2'
4 polymer scFv16
5 polymer 'Sphingosine 1-phosphate receptor 2'
6 non-polymer '(2S,3R,4E)-2-amino-3-hydroxyoctadec-4-en-1-yl dihydrogen phosphate'
#
loop_
_entity_poly.entity_id
_entity_poly.type
_entity_poly.pdbx_seq_one_letter_code
_entity_poly.pdbx_strand_id
1 'polypeptide(L)'
;MGCTLSAEDKAAVERSKMIDRNLREDGEKAARLVKILLLGAGESGKSTFLKQMRIIHGQDFDQRAREEFRPTIYSNVIKG
MRVLVDAREKLHIPWGDNSNQQHGDKMMSFDTRAPMAAQGMVETRVFLQYLPAIRALWADSGIQNAYDRRREFQLGESVK
YFLDNLDKLGEPDYIPSQQDILLARRPTKGIHEYDFEIKNVPFKMVDVGGQRSERKRWFECFDSVTSILFLVSSSEFDQV
LMEDRLTNRLTESLNIFETIVNNRVFSNVSIILFLNKTDLLEEKVQVVSIKDYFLEFEGDPHCLRDVQKFLVECFRGKRR
DQQQKPLYHHFTTAINTENIRLVFRDVKDTILHDNLKQLMLQ
;
A
2 'polypeptide(L)'
;MHHHHHHHHHHLEVLFQGPGSSGSELDQLRQEAEQLKNQIRDARKACADATLSQITNNIDPVGRIQMRTRRTLRGHLAKI
YAMHWGTDSRLLVSASQDGKLIIWDSYTTNKVHAIPLRSSWVMTCAYAPSGNYVACGGLDNICSIYNLKTREGNVRVSRE
LAGHTGYLSCCRFLDDNQIVTSSGDTTCALWDIETGQQTTTFTGHTGDVMSLSLAPDTRLFVSGACDASAKLWDVREGMC
RQTFTGHESDINAICFFPNGNAFATGSDDATCRLFDLRADQELMTYSHDNIICGITSVSFSKSGRLLLAGYDDFNCNVWD
ALKADRAGVLAGHDNRVSCLGVTDDGMAVATGSWDSFLKIWN
;
C
3 'polypeptide(L)' MASNNTASIAQARKLVEQLKMEANIDRIKVSKAAADLMAYCEAHAKEDPLLTPVPASENPFREKKFFCAIL D
4 'polypeptide(L)'
;DVQLVESGGGLVQPGGSRKLSCSASGFAFSSFGMHWVRQAPEKGLEWVAYISSGSGTIYYADTVKGRFTISRDDPKNTLF
LQMTSLRSEDTAMYYCVRSIYYYGSSPFDFWGQGTTLTVSSGGGGSGGGGSGGGGSDIVMTQATSSVPVTPGESVSISCR
SSKSLLHSNGNTYLYWFLQRPGQSPQLLIYRMSNLASGVPDRFSGSGSGTAFTLTISRLEAEDVGVYYCMQHLEYPLTFG
AGTKLELKAAAHHHHHHHH
;
E
5 'polypeptide(L)'
;MGSLYSEYLNPNKVQEHYNYTKETLETQETTSRQVASAFIVILCCAIVVENLLVLIAVARNSKFHSAMYLFLGNLAASDL
LAGVAFVANTLLSGSVTLRLTPVQWFAREGSAFITLSASVFSLLAIAIERHVAIAKVKLYGSDKSCRMLLLIGASWLISL
VLGGLPILGWNCLGHLEACSTVLPLYAKHYVLCVVTIFSIILLAIVALYVRIYCVVRSSHADMAAPQTLALLKTVTIVLG
VFIVCWLPAFSILLLDYACPVHSCPILYKAHYFFAVSTLNSLLNPVIYTWRSRDLRREVLRPLQCWRPGVGVQGRRRGGT
PGHHLLPLRSSSSLERGMHMPTSPTFLEGNTVVDYKDDDDK
;
R
#
loop_
_chem_comp.id
_chem_comp.type
_chem_comp.name
_chem_comp.formula
S1P non-polymer '(2S,3R,4E)-2-amino-3-hydroxyoctadec-4-en-1-yl dihydrogen phosphate' 'C18 H38 N O5 P'
#
# COMPACT_ATOMS: atom_id res chain seq x y z
N CYS A 3 18.23 -23.38 4.71
CA CYS A 3 17.64 -22.25 3.98
C CYS A 3 18.39 -20.97 4.33
N THR A 4 19.47 -21.12 5.11
CA THR A 4 20.37 -20.06 5.58
C THR A 4 19.69 -19.09 6.53
N LEU A 5 18.42 -19.33 6.87
CA LEU A 5 17.70 -18.56 7.87
C LEU A 5 17.71 -19.32 9.20
N SER A 6 17.86 -18.59 10.29
CA SER A 6 17.83 -19.20 11.61
C SER A 6 16.38 -19.46 12.02
N ALA A 7 16.17 -19.84 13.28
CA ALA A 7 14.81 -20.10 13.76
C ALA A 7 14.02 -18.81 13.90
N GLU A 8 14.63 -17.78 14.49
CA GLU A 8 13.93 -16.52 14.70
C GLU A 8 13.66 -15.81 13.39
N ASP A 9 14.52 -15.98 12.39
CA ASP A 9 14.28 -15.37 11.09
C ASP A 9 13.08 -16.01 10.40
N LYS A 10 12.96 -17.34 10.46
CA LYS A 10 11.82 -18.01 9.86
C LYS A 10 10.53 -17.67 10.59
N ALA A 11 10.59 -17.58 11.92
CA ALA A 11 9.40 -17.20 12.67
C ALA A 11 8.99 -15.76 12.39
N ALA A 12 9.95 -14.87 12.16
CA ALA A 12 9.64 -13.49 11.81
C ALA A 12 9.00 -13.42 10.42
N VAL A 13 9.48 -14.23 9.48
CA VAL A 13 8.86 -14.27 8.16
C VAL A 13 7.44 -14.82 8.25
N GLU A 14 7.21 -15.79 9.14
CA GLU A 14 5.86 -16.29 9.33
C GLU A 14 4.93 -15.22 9.91
N ARG A 15 5.43 -14.46 10.89
CA ARG A 15 4.67 -13.34 11.43
C ARG A 15 4.36 -12.31 10.33
N SER A 16 5.32 -12.07 9.44
CA SER A 16 5.09 -11.14 8.34
C SER A 16 4.01 -11.65 7.39
N LYS A 17 4.01 -12.95 7.11
CA LYS A 17 2.96 -13.50 6.24
C LYS A 17 1.59 -13.42 6.90
N MET A 18 1.53 -13.56 8.22
CA MET A 18 0.23 -13.42 8.90
C MET A 18 -0.25 -11.97 8.89
N ILE A 19 0.67 -11.02 9.08
CA ILE A 19 0.33 -9.60 8.92
C ILE A 19 -0.17 -9.33 7.51
N ASP A 20 0.47 -9.92 6.50
CA ASP A 20 0.05 -9.75 5.11
C ASP A 20 -1.35 -10.30 4.88
N ARG A 21 -1.65 -11.46 5.47
CA ARG A 21 -3.01 -12.02 5.34
C ARG A 21 -4.05 -11.10 5.96
N ASN A 22 -3.75 -10.54 7.13
CA ASN A 22 -4.71 -9.65 7.76
C ASN A 22 -4.88 -8.36 6.96
N LEU A 23 -3.81 -7.87 6.35
CA LEU A 23 -3.91 -6.69 5.50
C LEU A 23 -4.76 -6.97 4.26
N ARG A 24 -4.57 -8.15 3.65
CA ARG A 24 -5.36 -8.51 2.48
C ARG A 24 -6.84 -8.65 2.84
N GLU A 25 -7.14 -9.21 4.01
CA GLU A 25 -8.54 -9.32 4.42
C GLU A 25 -9.15 -7.94 4.67
N ASP A 26 -8.43 -7.05 5.36
CA ASP A 26 -8.94 -5.71 5.59
C ASP A 26 -9.00 -4.87 4.32
N GLY A 27 -8.28 -5.26 3.27
CA GLY A 27 -8.37 -4.56 2.01
C GLY A 27 -9.40 -5.16 1.08
N GLU A 28 -9.85 -6.37 1.40
CA GLU A 28 -11.06 -6.90 0.76
C GLU A 28 -12.30 -6.29 1.38
N LYS A 29 -12.31 -6.14 2.71
CA LYS A 29 -13.46 -5.53 3.39
C LYS A 29 -13.65 -4.06 3.02
N ALA A 30 -12.62 -3.39 2.51
CA ALA A 30 -12.68 -1.97 2.19
C ALA A 30 -12.54 -1.70 0.70
N ALA A 31 -12.62 -2.73 -0.14
CA ALA A 31 -12.69 -2.54 -1.57
C ALA A 31 -14.12 -2.47 -2.08
N ARG A 32 -15.08 -2.97 -1.30
CA ARG A 32 -16.50 -2.84 -1.58
C ARG A 32 -17.13 -1.74 -0.74
N LEU A 33 -16.38 -0.70 -0.41
CA LEU A 33 -16.85 0.42 0.40
C LEU A 33 -16.98 1.63 -0.49
N VAL A 34 -18.11 2.32 -0.39
CA VAL A 34 -18.41 3.49 -1.21
C VAL A 34 -18.36 4.71 -0.30
N LYS A 35 -17.40 5.60 -0.58
CA LYS A 35 -17.31 6.85 0.14
C LYS A 35 -18.06 7.92 -0.64
N ILE A 36 -18.71 8.83 0.06
CA ILE A 36 -19.46 9.91 -0.57
C ILE A 36 -19.17 11.20 0.17
N LEU A 37 -18.32 12.05 -0.40
CA LEU A 37 -18.00 13.31 0.23
C LEU A 37 -19.22 14.22 0.21
N LEU A 38 -19.36 15.04 1.26
CA LEU A 38 -20.52 15.91 1.43
C LEU A 38 -20.01 17.31 1.70
N LEU A 39 -20.17 18.20 0.74
CA LEU A 39 -19.72 19.58 0.87
C LEU A 39 -20.79 20.54 0.36
N GLY A 40 -21.62 21.03 1.28
CA GLY A 40 -22.66 21.99 0.96
C GLY A 40 -22.12 23.40 0.81
N ALA A 41 -22.97 24.37 1.09
CA ALA A 41 -22.59 25.78 1.04
C ALA A 41 -22.74 26.46 2.40
N GLY A 42 -22.94 25.71 3.46
CA GLY A 42 -23.04 26.28 4.80
C GLY A 42 -24.44 26.70 5.18
N GLU A 43 -24.97 27.71 4.48
CA GLU A 43 -26.28 28.28 4.76
C GLU A 43 -27.41 27.53 4.05
N SER A 44 -27.20 26.26 3.69
CA SER A 44 -28.13 25.54 2.82
C SER A 44 -28.85 24.41 3.53
N GLY A 45 -28.97 24.47 4.85
CA GLY A 45 -29.69 23.44 5.58
C GLY A 45 -29.01 22.08 5.59
N LYS A 46 -27.68 22.06 5.67
CA LYS A 46 -26.93 20.81 5.76
C LYS A 46 -27.33 20.03 7.02
N SER A 47 -27.54 20.75 8.12
CA SER A 47 -27.87 20.12 9.39
C SER A 47 -29.20 19.38 9.32
N THR A 48 -30.19 19.95 8.62
CA THR A 48 -31.51 19.33 8.54
C THR A 48 -31.45 18.01 7.79
N PHE A 49 -30.82 18.00 6.62
CA PHE A 49 -30.65 16.77 5.85
C PHE A 49 -29.84 15.75 6.64
N LEU A 50 -28.77 16.19 7.31
CA LEU A 50 -27.94 15.27 8.08
C LEU A 50 -28.72 14.63 9.22
N LYS A 51 -29.51 15.42 9.95
CA LYS A 51 -30.24 14.88 11.09
C LYS A 51 -31.39 13.98 10.63
N GLN A 52 -32.03 14.31 9.50
CA GLN A 52 -33.10 13.44 9.02
C GLN A 52 -32.54 12.11 8.51
N MET A 53 -31.38 12.16 7.84
CA MET A 53 -30.71 10.92 7.45
C MET A 53 -30.24 10.13 8.67
N ARG A 54 -29.89 10.83 9.76
CA ARG A 54 -29.45 10.16 10.97
C ARG A 54 -30.61 9.52 11.72
N ILE A 55 -31.82 10.10 11.63
CA ILE A 55 -32.96 9.51 12.31
C ILE A 55 -33.71 8.48 11.47
N ILE A 56 -33.57 8.51 10.15
CA ILE A 56 -34.19 7.43 9.37
C ILE A 56 -33.33 6.17 9.45
N HIS A 57 -32.03 6.31 9.64
CA HIS A 57 -31.13 5.16 9.72
C HIS A 57 -30.66 4.94 11.16
N LYS A 189 -15.18 19.23 15.97
CA LYS A 189 -13.96 19.94 15.58
C LYS A 189 -13.37 19.37 14.31
N GLY A 190 -12.99 18.10 14.35
CA GLY A 190 -12.32 17.46 13.24
C GLY A 190 -13.26 17.10 12.11
N ILE A 191 -12.76 16.26 11.21
CA ILE A 191 -13.59 15.75 10.13
C ILE A 191 -14.63 14.80 10.71
N HIS A 192 -15.84 14.86 10.16
CA HIS A 192 -16.91 13.97 10.57
C HIS A 192 -17.04 12.85 9.54
N GLU A 193 -17.80 11.82 9.92
CA GLU A 193 -17.98 10.67 9.05
C GLU A 193 -19.19 9.87 9.53
N TYR A 194 -20.09 9.54 8.61
CA TYR A 194 -21.30 8.79 8.92
C TYR A 194 -21.32 7.49 8.13
N ASP A 195 -21.32 6.37 8.84
CA ASP A 195 -21.44 5.06 8.23
C ASP A 195 -22.91 4.67 8.15
N PHE A 196 -23.28 4.02 7.04
CA PHE A 196 -24.55 3.30 7.00
C PHE A 196 -24.49 2.27 5.89
N GLU A 197 -25.61 1.60 5.64
CA GLU A 197 -25.69 0.56 4.61
C GLU A 197 -26.99 0.71 3.85
N ILE A 198 -26.93 0.48 2.55
CA ILE A 198 -28.10 0.58 1.67
C ILE A 198 -28.08 -0.61 0.73
N LYS A 199 -29.09 -1.48 0.85
CA LYS A 199 -29.30 -2.61 -0.06
C LYS A 199 -28.06 -3.49 -0.17
N ASN A 200 -27.47 -3.78 0.98
CA ASN A 200 -26.26 -4.58 1.12
C ASN A 200 -25.06 -3.93 0.43
N VAL A 201 -24.97 -2.60 0.51
CA VAL A 201 -23.78 -1.87 0.08
C VAL A 201 -23.42 -0.87 1.17
N PRO A 202 -22.18 -0.84 1.67
CA PRO A 202 -21.83 0.07 2.76
C PRO A 202 -21.39 1.45 2.28
N PHE A 203 -21.98 2.50 2.83
CA PHE A 203 -21.66 3.88 2.46
C PHE A 203 -20.98 4.60 3.60
N LYS A 204 -19.94 5.37 3.25
CA LYS A 204 -19.32 6.36 4.11
C LYS A 204 -19.70 7.75 3.61
N MET A 205 -20.07 8.63 4.52
CA MET A 205 -20.39 10.02 4.18
C MET A 205 -19.44 10.91 4.97
N VAL A 206 -18.43 11.43 4.27
CA VAL A 206 -17.32 12.16 4.90
C VAL A 206 -17.71 13.63 4.92
N ASP A 207 -18.43 14.04 5.96
CA ASP A 207 -18.81 15.44 6.13
C ASP A 207 -17.60 16.20 6.68
N VAL A 208 -16.94 16.99 5.83
CA VAL A 208 -15.80 17.78 6.27
C VAL A 208 -16.30 19.04 6.96
N GLY A 209 -15.63 19.40 8.05
CA GLY A 209 -16.09 20.50 8.88
C GLY A 209 -15.84 21.87 8.30
N GLY A 210 -16.50 22.19 7.19
CA GLY A 210 -16.35 23.48 6.54
C GLY A 210 -17.03 24.61 7.28
N ARG A 215 -6.69 24.73 2.49
CA ARG A 215 -7.75 24.46 1.53
C ARG A 215 -7.14 23.96 0.22
N LYS A 216 -5.87 24.31 0.00
CA LYS A 216 -5.28 24.14 -1.31
C LYS A 216 -4.95 22.69 -1.63
N ARG A 217 -4.07 22.07 -0.83
CA ARG A 217 -3.45 20.81 -1.23
C ARG A 217 -3.93 19.60 -0.44
N TRP A 218 -4.94 19.76 0.43
CA TRP A 218 -5.46 18.60 1.14
C TRP A 218 -6.85 18.16 0.67
N PHE A 219 -7.38 18.76 -0.40
CA PHE A 219 -8.44 18.10 -1.14
C PHE A 219 -7.92 17.12 -2.19
N GLU A 220 -6.62 16.88 -2.25
CA GLU A 220 -6.12 15.85 -3.14
C GLU A 220 -6.10 14.47 -2.49
N CYS A 221 -6.54 14.37 -1.24
CA CYS A 221 -6.83 13.06 -0.65
C CYS A 221 -8.27 12.65 -0.86
N PHE A 222 -9.13 13.59 -1.27
CA PHE A 222 -10.52 13.30 -1.59
C PHE A 222 -10.70 12.98 -3.07
N ASP A 223 -9.66 12.54 -3.75
CA ASP A 223 -9.85 11.77 -4.97
C ASP A 223 -9.99 10.30 -4.59
N SER A 224 -10.40 9.50 -5.56
CA SER A 224 -10.89 8.13 -5.33
C SER A 224 -12.02 8.08 -4.30
N VAL A 225 -12.76 9.18 -4.16
CA VAL A 225 -13.95 9.25 -3.33
C VAL A 225 -15.11 9.41 -4.30
N THR A 226 -15.87 8.33 -4.50
CA THR A 226 -16.92 8.31 -5.51
C THR A 226 -18.01 9.31 -5.19
N SER A 227 -18.38 10.12 -6.19
CA SER A 227 -19.64 10.85 -6.18
C SER A 227 -19.73 11.86 -5.02
N ILE A 228 -18.91 12.90 -5.14
CA ILE A 228 -19.08 14.09 -4.30
C ILE A 228 -20.53 14.56 -4.37
N LEU A 229 -21.08 14.98 -3.23
CA LEU A 229 -22.50 15.30 -3.10
C LEU A 229 -22.61 16.76 -2.70
N PHE A 230 -22.82 17.63 -3.68
CA PHE A 230 -23.03 19.03 -3.37
C PHE A 230 -24.40 19.23 -2.74
N LEU A 231 -24.66 20.46 -2.26
CA LEU A 231 -25.93 20.79 -1.65
C LEU A 231 -26.07 22.31 -1.60
N VAL A 232 -27.16 22.82 -2.17
CA VAL A 232 -27.42 24.25 -2.26
C VAL A 232 -28.84 24.51 -1.77
N SER A 233 -29.06 25.67 -1.16
CA SER A 233 -30.41 26.13 -0.88
C SER A 233 -30.93 26.87 -2.11
N SER A 234 -32.09 26.45 -2.61
CA SER A 234 -32.61 27.01 -3.86
C SER A 234 -33.25 28.37 -3.65
N SER A 235 -33.83 28.60 -2.47
CA SER A 235 -34.53 29.85 -2.18
C SER A 235 -33.60 31.00 -1.82
N GLU A 236 -32.29 30.86 -2.03
CA GLU A 236 -31.32 31.88 -1.65
C GLU A 236 -30.83 32.69 -2.85
N PHE A 237 -31.72 32.95 -3.81
CA PHE A 237 -31.35 33.72 -5.00
C PHE A 237 -31.54 35.22 -4.83
N ASP A 238 -32.36 35.65 -3.86
CA ASP A 238 -32.62 37.07 -3.65
C ASP A 238 -32.08 37.62 -2.34
N GLN A 239 -31.52 36.79 -1.45
CA GLN A 239 -30.85 37.33 -0.29
C GLN A 239 -29.41 37.70 -0.63
N VAL A 240 -28.76 38.40 0.30
CA VAL A 240 -27.40 38.88 0.15
C VAL A 240 -26.63 38.52 1.42
N LEU A 241 -25.38 38.07 1.25
CA LEU A 241 -24.51 37.64 2.35
C LEU A 241 -24.41 38.65 3.48
N MET A 242 -24.12 38.16 4.69
CA MET A 242 -24.01 39.04 5.86
C MET A 242 -22.74 39.88 5.80
N GLU A 243 -21.58 39.23 5.72
CA GLU A 243 -20.31 39.93 5.73
C GLU A 243 -20.07 40.75 4.47
N ASP A 244 -20.81 40.48 3.39
CA ASP A 244 -20.68 41.22 2.14
C ASP A 244 -22.08 41.62 1.69
N ARG A 245 -22.42 42.89 1.87
CA ARG A 245 -23.73 43.41 1.53
C ARG A 245 -23.83 43.86 0.07
N LEU A 246 -22.93 43.40 -0.79
CA LEU A 246 -22.90 43.83 -2.18
C LEU A 246 -23.14 42.70 -3.17
N THR A 247 -22.51 41.55 -2.98
CA THR A 247 -22.62 40.43 -3.91
C THR A 247 -23.74 39.47 -3.48
N ASN A 248 -24.28 38.76 -4.46
CA ASN A 248 -25.39 37.86 -4.25
C ASN A 248 -24.90 36.48 -3.81
N ARG A 249 -25.72 35.81 -3.00
CA ARG A 249 -25.35 34.49 -2.47
C ARG A 249 -25.30 33.45 -3.57
N LEU A 250 -26.13 33.60 -4.61
CA LEU A 250 -26.17 32.63 -5.70
C LEU A 250 -24.86 32.60 -6.46
N THR A 251 -24.35 33.75 -6.88
CA THR A 251 -23.10 33.79 -7.63
C THR A 251 -21.92 33.31 -6.77
N GLU A 252 -21.99 33.54 -5.46
CA GLU A 252 -20.97 33.03 -4.55
C GLU A 252 -20.99 31.50 -4.48
N SER A 253 -22.18 30.91 -4.37
CA SER A 253 -22.29 29.45 -4.38
C SER A 253 -21.85 28.88 -5.72
N LEU A 254 -22.17 29.57 -6.82
CA LEU A 254 -21.73 29.12 -8.13
C LEU A 254 -20.22 29.24 -8.30
N ASN A 255 -19.59 30.21 -7.65
CA ASN A 255 -18.13 30.29 -7.72
C ASN A 255 -17.47 29.18 -6.91
N ILE A 256 -18.06 28.84 -5.75
CA ILE A 256 -17.62 27.65 -5.03
C ILE A 256 -17.74 26.40 -5.90
N PHE A 257 -18.88 26.27 -6.59
CA PHE A 257 -19.08 25.14 -7.50
C PHE A 257 -18.03 25.12 -8.61
N GLU A 258 -17.71 26.30 -9.16
CA GLU A 258 -16.69 26.38 -10.20
C GLU A 258 -15.34 25.88 -9.70
N THR A 259 -14.89 26.43 -8.57
CA THR A 259 -13.58 26.06 -8.04
C THR A 259 -13.52 24.59 -7.63
N ILE A 260 -14.65 24.00 -7.24
CA ILE A 260 -14.63 22.60 -6.80
C ILE A 260 -14.66 21.65 -8.00
N VAL A 261 -15.58 21.87 -8.95
CA VAL A 261 -15.71 20.93 -10.05
C VAL A 261 -14.55 21.05 -11.04
N ASN A 262 -14.08 22.27 -11.29
CA ASN A 262 -13.04 22.44 -12.30
C ASN A 262 -11.64 22.05 -11.81
N ASN A 263 -11.52 21.49 -10.61
CA ASN A 263 -10.25 20.92 -10.17
C ASN A 263 -9.86 19.75 -11.05
N ARG A 264 -8.56 19.47 -11.12
CA ARG A 264 -8.09 18.38 -11.97
C ARG A 264 -8.20 17.03 -11.28
N VAL A 265 -7.95 16.97 -9.97
CA VAL A 265 -8.02 15.70 -9.25
C VAL A 265 -9.45 15.18 -9.16
N PHE A 266 -10.44 16.06 -9.27
CA PHE A 266 -11.85 15.69 -9.24
C PHE A 266 -12.38 15.33 -10.62
N SER A 267 -11.51 14.94 -11.54
CA SER A 267 -11.92 14.49 -12.87
C SER A 267 -12.23 13.00 -12.92
N ASN A 268 -12.51 12.38 -11.77
CA ASN A 268 -12.96 11.00 -11.70
C ASN A 268 -14.07 10.82 -10.67
N VAL A 269 -14.66 11.91 -10.19
CA VAL A 269 -15.73 11.88 -9.21
C VAL A 269 -16.99 12.47 -9.86
N SER A 270 -18.15 11.94 -9.51
CA SER A 270 -19.38 12.23 -10.22
C SER A 270 -20.28 13.10 -9.35
N ILE A 271 -20.22 14.41 -9.57
CA ILE A 271 -20.95 15.38 -8.76
C ILE A 271 -22.44 15.11 -8.76
N ILE A 272 -23.02 15.01 -7.56
CA ILE A 272 -24.46 15.08 -7.38
C ILE A 272 -24.74 16.50 -6.93
N LEU A 273 -26.00 16.93 -7.03
CA LEU A 273 -26.33 18.32 -6.75
C LEU A 273 -27.77 18.38 -6.26
N PHE A 274 -27.97 18.52 -4.97
CA PHE A 274 -29.29 18.69 -4.40
C PHE A 274 -29.66 20.17 -4.43
N LEU A 275 -30.94 20.45 -4.18
CA LEU A 275 -31.42 21.81 -3.98
C LEU A 275 -32.51 21.74 -2.93
N ASN A 276 -32.17 22.06 -1.68
CA ASN A 276 -33.15 22.01 -0.62
C ASN A 276 -34.09 23.20 -0.71
N LYS A 277 -35.13 23.17 0.15
CA LYS A 277 -36.08 24.27 0.32
C LYS A 277 -36.80 24.61 -0.98
N THR A 278 -37.27 23.58 -1.68
CA THR A 278 -38.10 23.83 -2.86
C THR A 278 -39.49 24.32 -2.48
N ASP A 279 -39.95 23.98 -1.27
CA ASP A 279 -41.21 24.55 -0.80
C ASP A 279 -41.06 26.04 -0.48
N LEU A 280 -39.90 26.42 0.07
CA LEU A 280 -39.58 27.84 0.16
C LEU A 280 -39.53 28.50 -1.21
N LEU A 281 -39.03 27.78 -2.21
CA LEU A 281 -38.96 28.32 -3.56
C LEU A 281 -40.35 28.54 -4.15
N GLU A 282 -41.26 27.58 -3.98
CA GLU A 282 -42.61 27.76 -4.50
C GLU A 282 -43.41 28.78 -3.67
N GLU A 283 -43.05 28.98 -2.41
CA GLU A 283 -43.67 30.05 -1.64
C GLU A 283 -43.20 31.42 -2.11
N LYS A 284 -41.90 31.55 -2.39
CA LYS A 284 -41.31 32.85 -2.74
C LYS A 284 -41.18 33.07 -4.23
N VAL A 285 -41.77 32.23 -5.07
CA VAL A 285 -41.70 32.44 -6.52
C VAL A 285 -43.00 33.04 -7.07
N GLN A 286 -44.14 32.82 -6.41
CA GLN A 286 -45.42 33.36 -6.85
C GLN A 286 -45.71 34.73 -6.24
N VAL A 287 -44.73 35.36 -5.61
CA VAL A 287 -44.95 36.65 -4.95
C VAL A 287 -43.98 37.70 -5.47
N VAL A 288 -42.85 37.26 -6.04
CA VAL A 288 -41.85 38.17 -6.57
C VAL A 288 -41.54 37.80 -8.02
N SER A 289 -40.75 38.66 -8.65
CA SER A 289 -40.22 38.37 -9.97
C SER A 289 -38.72 38.09 -9.89
N ILE A 290 -38.17 37.53 -10.97
CA ILE A 290 -36.78 37.12 -10.99
C ILE A 290 -35.98 37.77 -12.12
N LYS A 291 -36.64 38.22 -13.21
CA LYS A 291 -35.93 38.88 -14.29
C LYS A 291 -35.27 40.18 -13.84
N ASP A 292 -35.82 40.83 -12.81
CA ASP A 292 -35.17 42.01 -12.24
C ASP A 292 -33.94 41.66 -11.44
N TYR A 293 -33.77 40.40 -11.05
CA TYR A 293 -32.61 40.01 -10.26
C TYR A 293 -31.41 39.68 -11.14
N PHE A 294 -31.60 38.84 -12.15
CA PHE A 294 -30.52 38.38 -13.00
C PHE A 294 -30.81 38.72 -14.46
N LEU A 295 -29.75 38.98 -15.21
CA LEU A 295 -29.88 39.42 -16.60
C LEU A 295 -30.06 38.28 -17.58
N GLU A 296 -29.80 37.04 -17.16
CA GLU A 296 -29.97 35.91 -18.05
C GLU A 296 -31.45 35.64 -18.32
N PHE A 297 -31.75 35.21 -19.54
CA PHE A 297 -33.14 35.00 -19.95
C PHE A 297 -33.74 33.80 -19.23
N GLU A 298 -34.88 34.03 -18.59
CA GLU A 298 -35.64 33.00 -17.90
C GLU A 298 -37.07 32.89 -18.41
N GLY A 299 -37.74 34.01 -18.68
CA GLY A 299 -39.11 33.98 -19.15
C GLY A 299 -40.10 34.46 -18.12
N ASP A 300 -41.19 33.73 -17.93
CA ASP A 300 -42.21 34.13 -16.98
C ASP A 300 -41.74 33.87 -15.55
N PRO A 301 -42.00 34.79 -14.63
CA PRO A 301 -41.55 34.63 -13.24
C PRO A 301 -42.57 34.00 -12.30
N HIS A 302 -43.65 33.41 -12.79
CA HIS A 302 -44.74 33.01 -11.90
C HIS A 302 -45.08 31.52 -12.05
N CYS A 303 -44.07 30.66 -12.03
CA CYS A 303 -44.28 29.23 -12.04
C CYS A 303 -43.12 28.55 -11.31
N LEU A 304 -43.07 27.23 -11.43
CA LEU A 304 -42.01 26.44 -10.79
C LEU A 304 -41.04 25.82 -11.78
N ARG A 305 -41.55 25.20 -12.86
CA ARG A 305 -40.68 24.47 -13.78
C ARG A 305 -39.72 25.41 -14.50
N ASP A 306 -40.17 26.64 -14.78
CA ASP A 306 -39.32 27.63 -15.44
C ASP A 306 -38.12 27.99 -14.57
N VAL A 307 -38.37 28.38 -13.32
CA VAL A 307 -37.26 28.77 -12.44
C VAL A 307 -36.43 27.55 -12.07
N GLN A 308 -37.01 26.36 -12.07
CA GLN A 308 -36.24 25.16 -11.75
C GLN A 308 -35.27 24.83 -12.87
N LYS A 309 -35.75 24.82 -14.12
CA LYS A 309 -34.84 24.57 -15.24
C LYS A 309 -33.83 25.70 -15.37
N PHE A 310 -34.20 26.93 -14.98
CA PHE A 310 -33.25 28.02 -14.99
C PHE A 310 -32.13 27.79 -13.97
N LEU A 311 -32.48 27.35 -12.77
CA LEU A 311 -31.47 27.06 -11.75
C LEU A 311 -30.57 25.90 -12.17
N VAL A 312 -31.16 24.82 -12.71
CA VAL A 312 -30.34 23.68 -13.12
C VAL A 312 -29.42 24.07 -14.27
N GLU A 313 -29.89 24.92 -15.19
CA GLU A 313 -29.02 25.35 -16.28
C GLU A 313 -27.91 26.25 -15.76
N CYS A 314 -28.25 27.16 -14.84
CA CYS A 314 -27.25 28.09 -14.31
C CYS A 314 -26.22 27.38 -13.44
N PHE A 315 -26.58 26.23 -12.87
CA PHE A 315 -25.60 25.44 -12.13
C PHE A 315 -24.81 24.52 -13.03
N ARG A 316 -25.45 23.92 -14.04
CA ARG A 316 -24.77 22.96 -14.91
C ARG A 316 -23.78 23.66 -15.82
N GLY A 317 -24.10 24.88 -16.27
CA GLY A 317 -23.27 25.60 -17.22
C GLY A 317 -21.89 25.96 -16.72
N LYS A 318 -21.57 25.65 -15.46
CA LYS A 318 -20.29 26.01 -14.87
C LYS A 318 -19.17 25.03 -15.20
N ARG A 319 -19.48 23.86 -15.77
CA ARG A 319 -18.44 22.87 -16.01
C ARG A 319 -17.57 23.29 -17.19
N ARG A 320 -16.49 22.52 -17.41
CA ARG A 320 -15.62 22.70 -18.56
C ARG A 320 -15.22 21.33 -19.08
N ASP A 321 -15.87 20.89 -20.15
CA ASP A 321 -15.63 19.59 -20.78
C ASP A 321 -15.73 18.45 -19.77
N GLN A 322 -16.90 18.33 -19.16
CA GLN A 322 -17.14 17.33 -18.12
C GLN A 322 -17.67 16.06 -18.76
N GLN A 323 -16.77 15.13 -19.06
CA GLN A 323 -17.12 13.78 -19.47
C GLN A 323 -16.67 12.79 -18.40
N GLN A 324 -17.17 11.56 -18.51
CA GLN A 324 -16.91 10.45 -17.57
C GLN A 324 -17.23 10.80 -16.11
N LYS A 325 -18.02 11.86 -15.89
CA LYS A 325 -18.47 12.23 -14.55
C LYS A 325 -19.73 13.07 -14.64
N PRO A 326 -20.90 12.46 -14.81
CA PRO A 326 -22.13 13.24 -15.01
C PRO A 326 -22.54 14.00 -13.76
N LEU A 327 -23.53 14.87 -13.94
CA LEU A 327 -23.98 15.79 -12.91
C LEU A 327 -25.44 15.52 -12.60
N TYR A 328 -25.68 14.62 -11.65
CA TYR A 328 -27.04 14.23 -11.30
C TYR A 328 -27.67 15.30 -10.44
N HIS A 329 -28.34 16.27 -11.07
CA HIS A 329 -29.07 17.25 -10.28
C HIS A 329 -30.30 16.60 -9.65
N HIS A 330 -30.85 17.28 -8.66
CA HIS A 330 -32.02 16.78 -7.93
C HIS A 330 -32.77 17.97 -7.34
N PHE A 331 -33.87 17.67 -6.66
CA PHE A 331 -34.72 18.71 -6.07
C PHE A 331 -35.38 18.11 -4.84
N THR A 332 -34.90 18.47 -3.66
CA THR A 332 -35.39 17.92 -2.40
C THR A 332 -36.37 18.89 -1.76
N THR A 333 -37.62 18.45 -1.62
CA THR A 333 -38.68 19.25 -0.99
C THR A 333 -38.57 19.18 0.52
N ALA A 334 -39.65 19.54 1.22
CA ALA A 334 -39.80 19.24 2.64
C ALA A 334 -39.42 17.79 2.90
N ILE A 335 -38.63 17.58 3.96
CA ILE A 335 -37.72 16.45 4.02
C ILE A 335 -38.49 15.12 4.03
N ASN A 336 -37.90 14.12 3.37
CA ASN A 336 -38.58 12.85 3.14
C ASN A 336 -37.54 11.73 3.19
N THR A 337 -37.95 10.54 2.75
CA THR A 337 -37.10 9.36 2.80
C THR A 337 -36.57 8.93 1.44
N GLU A 338 -36.92 9.64 0.37
CA GLU A 338 -36.49 9.29 -0.98
C GLU A 338 -35.02 9.64 -1.24
N ASN A 339 -34.43 10.48 -0.38
CA ASN A 339 -33.11 11.06 -0.64
C ASN A 339 -32.05 9.99 -0.78
N ILE A 340 -32.00 9.05 0.16
CA ILE A 340 -30.92 8.07 0.14
C ILE A 340 -31.14 7.04 -0.96
N ARG A 341 -32.41 6.77 -1.32
CA ARG A 341 -32.68 5.97 -2.50
C ARG A 341 -32.14 6.63 -3.76
N LEU A 342 -32.35 7.94 -3.89
CA LEU A 342 -31.83 8.67 -5.05
C LEU A 342 -30.30 8.65 -5.07
N VAL A 343 -29.67 8.83 -3.90
CA VAL A 343 -28.21 8.82 -3.83
C VAL A 343 -27.67 7.44 -4.20
N PHE A 344 -28.36 6.38 -3.78
CA PHE A 344 -27.92 5.04 -4.15
C PHE A 344 -28.08 4.81 -5.63
N ARG A 345 -29.17 5.30 -6.24
CA ARG A 345 -29.33 5.17 -7.68
C ARG A 345 -28.23 5.89 -8.44
N ASP A 346 -27.86 7.10 -7.97
CA ASP A 346 -26.83 7.86 -8.67
C ASP A 346 -25.45 7.22 -8.52
N VAL A 347 -25.14 6.70 -7.34
CA VAL A 347 -23.83 6.05 -7.15
C VAL A 347 -23.79 4.72 -7.89
N LYS A 348 -24.91 4.01 -7.98
CA LYS A 348 -24.98 2.81 -8.80
C LYS A 348 -24.73 3.14 -10.27
N ASP A 349 -25.32 4.23 -10.76
CA ASP A 349 -25.09 4.65 -12.14
C ASP A 349 -23.63 5.00 -12.38
N THR A 350 -23.02 5.71 -11.42
CA THR A 350 -21.60 6.09 -11.56
C THR A 350 -20.69 4.87 -11.59
N ILE A 351 -20.91 3.93 -10.66
CA ILE A 351 -20.07 2.74 -10.61
C ILE A 351 -20.31 1.86 -11.83
N LEU A 352 -21.52 1.89 -12.40
CA LEU A 352 -21.77 1.17 -13.64
C LEU A 352 -21.01 1.78 -14.80
N HIS A 353 -21.08 3.11 -14.95
CA HIS A 353 -20.33 3.78 -16.02
C HIS A 353 -18.83 3.71 -15.81
N ASP A 354 -18.36 3.40 -14.61
CA ASP A 354 -16.93 3.24 -14.40
C ASP A 354 -16.46 1.79 -14.56
N ASN A 355 -17.32 0.82 -14.23
CA ASN A 355 -17.05 -0.57 -14.60
C ASN A 355 -17.12 -0.76 -16.11
N LEU A 356 -17.87 0.10 -16.79
CA LEU A 356 -18.03 -0.02 -18.24
C LEU A 356 -16.85 0.54 -19.02
N LYS A 357 -15.73 0.78 -18.36
CA LYS A 357 -14.51 1.23 -19.02
C LYS A 357 -13.30 0.37 -18.67
N GLN A 358 -13.29 -0.25 -17.49
CA GLN A 358 -12.25 -1.21 -17.17
C GLN A 358 -12.44 -2.51 -17.94
N LEU A 359 -13.70 -2.90 -18.18
CA LEU A 359 -14.01 -4.10 -18.94
C LEU A 359 -13.87 -3.90 -20.45
N MET A 360 -13.47 -2.71 -20.90
CA MET A 360 -13.33 -2.34 -22.30
C MET A 360 -14.66 -2.45 -23.06
N LEU A 361 -15.76 -2.56 -22.34
CA LEU A 361 -17.08 -2.81 -22.91
C LEU A 361 -17.74 -1.53 -23.42
N GLN A 362 -17.01 -0.42 -23.42
CA GLN A 362 -17.55 0.88 -23.81
C GLN A 362 -18.01 0.90 -25.26
N SER B 24 -3.22 59.58 11.22
CA SER B 24 -3.74 58.59 12.15
C SER B 24 -2.62 57.98 12.98
N GLU B 25 -2.85 56.76 13.45
CA GLU B 25 -1.88 56.03 14.25
C GLU B 25 -1.52 54.67 13.66
N LEU B 26 -2.49 53.98 13.05
CA LEU B 26 -2.19 52.68 12.44
C LEU B 26 -1.28 52.84 11.24
N ASP B 27 -1.47 53.89 10.45
CA ASP B 27 -0.59 54.13 9.31
C ASP B 27 0.83 54.47 9.75
N GLN B 28 1.00 55.10 10.91
CA GLN B 28 2.33 55.37 11.43
C GLN B 28 3.05 54.07 11.79
N LEU B 29 2.34 53.14 12.43
CA LEU B 29 2.92 51.85 12.75
C LEU B 29 3.19 51.03 11.48
N ARG B 30 2.34 51.18 10.46
CA ARG B 30 2.59 50.50 9.19
C ARG B 30 3.82 51.06 8.50
N GLN B 31 4.02 52.38 8.58
CA GLN B 31 5.22 52.98 8.01
C GLN B 31 6.47 52.56 8.79
N GLU B 32 6.34 52.41 10.11
CA GLU B 32 7.45 51.90 10.91
C GLU B 32 7.80 50.47 10.51
N ALA B 33 6.78 49.64 10.29
CA ALA B 33 7.02 48.27 9.82
C ALA B 33 7.69 48.27 8.45
N GLU B 34 7.25 49.15 7.56
CA GLU B 34 7.82 49.22 6.21
C GLU B 34 9.28 49.66 6.25
N GLN B 35 9.60 50.65 7.08
CA GLN B 35 11.00 51.09 7.16
C GLN B 35 11.86 50.06 7.88
N LEU B 36 11.29 49.29 8.80
CA LEU B 36 12.03 48.18 9.39
C LEU B 36 12.32 47.09 8.36
N LYS B 37 11.35 46.80 7.50
CA LYS B 37 11.59 45.84 6.42
C LYS B 37 12.62 46.36 5.43
N ASN B 38 12.63 47.67 5.19
CA ASN B 38 13.66 48.25 4.33
C ASN B 38 15.04 48.16 4.97
N GLN B 39 15.13 48.36 6.29
CA GLN B 39 16.38 48.16 7.00
C GLN B 39 16.83 46.70 6.91
N ILE B 40 15.89 45.76 7.03
CA ILE B 40 16.20 44.35 6.88
C ILE B 40 16.77 44.07 5.49
N ARG B 41 16.13 44.63 4.45
CA ARG B 41 16.57 44.37 3.09
C ARG B 41 17.94 44.98 2.83
N ASP B 42 18.20 46.17 3.36
CA ASP B 42 19.51 46.79 3.18
C ASP B 42 20.60 46.03 3.94
N ALA B 43 20.28 45.53 5.13
CA ALA B 43 21.25 44.74 5.89
C ALA B 43 21.55 43.42 5.20
N ARG B 44 20.54 42.82 4.56
CA ARG B 44 20.79 41.59 3.82
C ARG B 44 21.55 41.86 2.52
N LYS B 45 21.33 43.03 1.90
CA LYS B 45 22.03 43.35 0.66
C LYS B 45 23.47 43.75 0.91
N ALA B 46 23.78 44.30 2.09
CA ALA B 46 25.13 44.76 2.39
C ALA B 46 26.11 43.60 2.57
N CYS B 47 25.61 42.39 2.84
CA CYS B 47 26.47 41.25 3.06
C CYS B 47 26.68 40.40 1.80
N ALA B 48 25.82 40.55 0.79
CA ALA B 48 25.90 39.73 -0.42
C ALA B 48 27.00 40.26 -1.34
N ASP B 49 28.24 40.02 -0.93
CA ASP B 49 29.39 40.42 -1.74
C ASP B 49 29.66 39.41 -2.85
N ALA B 50 29.72 38.12 -2.50
CA ALA B 50 29.89 37.04 -3.44
C ALA B 50 28.70 36.08 -3.34
N THR B 51 28.69 35.07 -4.20
CA THR B 51 27.65 34.06 -4.21
C THR B 51 28.26 32.68 -4.00
N LEU B 52 27.38 31.68 -3.84
CA LEU B 52 27.85 30.30 -3.76
C LEU B 52 28.30 29.78 -5.11
N SER B 53 27.93 30.43 -6.21
CA SER B 53 28.37 30.00 -7.52
C SER B 53 29.75 30.55 -7.86
N GLN B 54 30.04 31.79 -7.45
CA GLN B 54 31.34 32.40 -7.72
C GLN B 54 32.44 31.87 -6.81
N ILE B 55 32.16 30.91 -5.95
CA ILE B 55 33.15 30.33 -5.04
C ILE B 55 33.37 28.85 -5.30
N THR B 56 32.29 28.10 -5.56
CA THR B 56 32.37 26.68 -5.86
C THR B 56 32.47 26.40 -7.36
N ASN B 57 33.02 27.34 -8.13
CA ASN B 57 33.21 27.16 -9.57
C ASN B 57 34.60 26.62 -9.90
N ASN B 58 35.28 26.01 -8.94
CA ASN B 58 36.63 25.49 -9.17
C ASN B 58 36.72 24.03 -8.79
N ILE B 59 35.90 23.59 -7.83
CA ILE B 59 35.91 22.20 -7.42
C ILE B 59 35.28 21.34 -8.52
N ASP B 60 35.72 20.08 -8.59
CA ASP B 60 35.25 19.20 -9.64
C ASP B 60 33.84 18.71 -9.34
N PRO B 61 33.00 18.55 -10.35
CA PRO B 61 31.64 18.06 -10.12
C PRO B 61 31.63 16.60 -9.68
N VAL B 62 30.46 16.16 -9.23
CA VAL B 62 30.33 14.80 -8.72
C VAL B 62 30.19 13.77 -9.83
N GLY B 63 29.87 14.20 -11.05
CA GLY B 63 29.77 13.29 -12.17
C GLY B 63 28.32 12.92 -12.47
N ARG B 64 28.02 11.63 -12.46
CA ARG B 64 26.67 11.13 -12.70
C ARG B 64 26.43 9.98 -11.73
N ILE B 65 25.28 9.97 -11.08
CA ILE B 65 25.00 9.09 -9.95
C ILE B 65 23.86 8.16 -10.34
N GLN B 66 24.20 6.93 -10.67
CA GLN B 66 23.20 5.89 -10.91
C GLN B 66 22.80 5.26 -9.59
N MET B 67 21.50 5.24 -9.31
CA MET B 67 20.95 4.60 -8.13
C MET B 67 19.88 3.61 -8.56
N ARG B 68 20.04 2.35 -8.17
CA ARG B 68 19.12 1.29 -8.55
C ARG B 68 18.27 0.89 -7.35
N THR B 69 17.00 0.62 -7.60
CA THR B 69 16.11 0.08 -6.57
C THR B 69 16.68 -1.20 -5.99
N ARG B 70 16.81 -1.25 -4.66
CA ARG B 70 17.28 -2.44 -3.98
C ARG B 70 16.15 -3.25 -3.36
N ARG B 71 15.15 -2.59 -2.77
CA ARG B 71 13.98 -3.26 -2.26
C ARG B 71 12.73 -2.54 -2.76
N THR B 72 11.63 -3.29 -2.78
CA THR B 72 10.30 -2.71 -3.00
C THR B 72 9.40 -3.28 -1.92
N LEU B 73 8.84 -2.41 -1.10
CA LEU B 73 8.09 -2.81 0.08
C LEU B 73 6.61 -2.72 -0.23
N ARG B 74 5.99 -3.87 -0.49
CA ARG B 74 4.59 -3.97 -0.87
C ARG B 74 3.72 -4.32 0.32
N GLY B 75 2.47 -3.88 0.28
CA GLY B 75 1.54 -4.19 1.35
C GLY B 75 0.57 -3.08 1.67
N HIS B 76 0.86 -1.87 1.21
CA HIS B 76 -0.09 -0.78 1.35
C HIS B 76 -1.13 -0.86 0.23
N LEU B 77 -2.35 -0.43 0.54
CA LEU B 77 -3.46 -0.55 -0.39
C LEU B 77 -4.03 0.80 -0.81
N ALA B 78 -3.30 1.89 -0.60
CA ALA B 78 -3.77 3.22 -0.94
C ALA B 78 -2.58 4.16 -1.01
N LYS B 79 -2.85 5.45 -1.19
CA LYS B 79 -1.81 6.45 -1.37
C LYS B 79 -0.98 6.61 -0.10
N ILE B 80 0.33 6.55 -0.23
CA ILE B 80 1.25 6.71 0.89
C ILE B 80 1.56 8.19 1.05
N TYR B 81 1.41 8.71 2.26
CA TYR B 81 1.54 10.14 2.49
C TYR B 81 2.77 10.56 3.28
N ALA B 82 3.41 9.65 4.03
CA ALA B 82 4.57 10.01 4.80
C ALA B 82 5.35 8.75 5.18
N MET B 83 6.56 8.96 5.65
CA MET B 83 7.38 7.87 6.20
C MET B 83 8.48 8.50 7.05
N HIS B 84 9.14 7.66 7.84
CA HIS B 84 10.24 8.10 8.69
C HIS B 84 11.17 6.92 8.96
N TRP B 85 12.45 7.23 9.09
CA TRP B 85 13.46 6.21 9.37
C TRP B 85 13.74 6.12 10.85
N GLY B 86 13.96 4.90 11.33
CA GLY B 86 14.46 4.73 12.67
C GLY B 86 15.90 5.21 12.80
N THR B 87 16.31 5.50 14.02
CA THR B 87 17.68 5.95 14.23
C THR B 87 18.69 4.81 14.26
N ASP B 88 18.24 3.56 14.13
CA ASP B 88 19.14 2.44 13.95
C ASP B 88 19.38 2.12 12.48
N SER B 89 18.88 2.97 11.58
CA SER B 89 19.11 2.94 10.14
C SER B 89 18.49 1.74 9.44
N ARG B 90 17.66 0.97 10.12
CA ARG B 90 17.12 -0.27 9.58
C ARG B 90 15.60 -0.32 9.57
N LEU B 91 14.95 0.16 10.62
CA LEU B 91 13.50 0.10 10.73
C LEU B 91 12.86 1.33 10.13
N LEU B 92 11.73 1.14 9.47
CA LEU B 92 10.95 2.19 8.84
C LEU B 92 9.63 2.39 9.58
N VAL B 93 8.82 3.30 9.04
CA VAL B 93 7.42 3.44 9.39
C VAL B 93 6.76 4.19 8.25
N SER B 94 5.54 3.82 7.90
CA SER B 94 4.90 4.37 6.71
C SER B 94 3.41 4.50 6.92
N ALA B 95 2.90 5.73 6.81
CA ALA B 95 1.49 6.01 6.91
C ALA B 95 0.88 6.08 5.51
N SER B 96 -0.38 5.67 5.40
CA SER B 96 -1.07 5.71 4.12
C SER B 96 -2.57 5.82 4.36
N GLN B 97 -3.27 6.25 3.31
CA GLN B 97 -4.72 6.44 3.37
C GLN B 97 -5.49 5.13 3.43
N ASP B 98 -4.80 3.99 3.40
CA ASP B 98 -5.41 2.71 3.76
C ASP B 98 -6.02 2.75 5.15
N GLY B 99 -5.40 3.50 6.06
CA GLY B 99 -5.77 3.49 7.46
C GLY B 99 -4.81 2.74 8.34
N LYS B 100 -3.64 2.35 7.82
CA LYS B 100 -2.68 1.52 8.53
C LYS B 100 -1.38 2.28 8.74
N LEU B 101 -0.55 1.73 9.61
CA LEU B 101 0.76 2.28 9.93
C LEU B 101 1.68 1.08 10.08
N ILE B 102 2.48 0.79 9.06
CA ILE B 102 3.30 -0.41 9.02
C ILE B 102 4.73 -0.04 9.42
N ILE B 103 5.38 -0.93 10.16
CA ILE B 103 6.77 -0.78 10.53
C ILE B 103 7.54 -1.87 9.82
N TRP B 104 8.28 -1.50 8.78
CA TRP B 104 9.01 -2.48 7.99
C TRP B 104 10.38 -2.75 8.58
N ASP B 105 10.94 -3.89 8.21
CA ASP B 105 12.35 -4.18 8.37
C ASP B 105 12.95 -4.06 6.98
N SER B 106 13.73 -3.00 6.76
CA SER B 106 14.14 -2.67 5.40
C SER B 106 15.22 -3.59 4.87
N TYR B 107 15.96 -4.27 5.74
CA TYR B 107 17.00 -5.20 5.28
C TYR B 107 16.40 -6.48 4.72
N THR B 108 15.26 -6.93 5.27
CA THR B 108 14.66 -8.20 4.89
C THR B 108 13.24 -8.08 4.38
N THR B 109 12.70 -6.86 4.26
CA THR B 109 11.45 -6.52 3.57
C THR B 109 10.23 -6.97 4.37
N ASN B 110 10.42 -7.68 5.48
CA ASN B 110 9.27 -8.16 6.21
C ASN B 110 8.78 -7.11 7.20
N LYS B 111 7.50 -7.23 7.58
CA LYS B 111 6.84 -6.25 8.44
C LYS B 111 6.99 -6.65 9.90
N VAL B 112 7.33 -5.67 10.74
CA VAL B 112 7.46 -5.90 12.17
C VAL B 112 6.10 -5.73 12.84
N HIS B 113 5.50 -4.54 12.71
CA HIS B 113 4.18 -4.27 13.24
C HIS B 113 3.29 -3.71 12.14
N ALA B 114 1.99 -3.85 12.33
CA ALA B 114 0.98 -3.14 11.56
C ALA B 114 -0.05 -2.58 12.53
N ILE B 115 -0.29 -1.28 12.46
CA ILE B 115 -1.10 -0.55 13.42
C ILE B 115 -2.35 -0.06 12.71
N PRO B 116 -3.55 -0.40 13.19
CA PRO B 116 -4.77 0.15 12.59
C PRO B 116 -5.15 1.49 13.18
N LEU B 117 -5.32 2.50 12.32
CA LEU B 117 -5.59 3.85 12.79
C LEU B 117 -7.07 4.05 13.07
N ARG B 118 -7.36 4.97 13.98
CA ARG B 118 -8.74 5.31 14.31
C ARG B 118 -9.38 6.18 13.25
N SER B 119 -8.60 6.98 12.52
CA SER B 119 -9.10 7.82 11.43
C SER B 119 -8.20 7.60 10.23
N SER B 120 -8.80 7.22 9.10
CA SER B 120 -8.05 6.87 7.91
C SER B 120 -7.45 8.06 7.18
N TRP B 121 -7.71 9.28 7.64
CA TRP B 121 -7.20 10.48 6.96
C TRP B 121 -5.91 10.92 7.64
N VAL B 122 -4.82 10.21 7.31
CA VAL B 122 -3.51 10.43 7.89
C VAL B 122 -2.61 11.10 6.88
N MET B 123 -1.88 12.13 7.32
CA MET B 123 -1.04 12.92 6.44
C MET B 123 0.36 13.17 6.99
N THR B 124 0.75 12.48 8.07
CA THR B 124 2.08 12.64 8.63
C THR B 124 2.47 11.35 9.34
N CYS B 125 3.69 11.33 9.85
CA CYS B 125 4.27 10.16 10.49
C CYS B 125 5.57 10.56 11.17
N ALA B 126 5.95 9.80 12.18
CA ALA B 126 7.20 10.03 12.87
C ALA B 126 7.70 8.69 13.44
N TYR B 127 8.89 8.75 14.03
CA TYR B 127 9.48 7.57 14.66
C TYR B 127 10.44 8.09 15.71
N ALA B 128 10.22 7.72 16.97
CA ALA B 128 10.97 8.31 18.08
C ALA B 128 12.46 8.02 17.94
N PRO B 129 13.32 8.94 18.39
CA PRO B 129 14.77 8.72 18.27
C PRO B 129 15.30 7.61 19.16
N SER B 130 14.49 7.07 20.06
CA SER B 130 14.85 5.91 20.87
C SER B 130 14.18 4.63 20.40
N GLY B 131 13.16 4.73 19.56
CA GLY B 131 12.50 3.57 19.01
C GLY B 131 11.27 3.11 19.75
N ASN B 132 10.97 3.68 20.92
CA ASN B 132 9.86 3.20 21.72
C ASN B 132 8.52 3.57 21.09
N TYR B 133 8.30 4.87 20.86
CA TYR B 133 7.00 5.38 20.43
C TYR B 133 7.01 5.71 18.94
N VAL B 134 5.80 5.92 18.42
CA VAL B 134 5.58 6.33 17.03
C VAL B 134 4.43 7.31 17.01
N ALA B 135 4.61 8.45 16.35
CA ALA B 135 3.53 9.43 16.27
C ALA B 135 2.79 9.32 14.95
N CYS B 136 1.62 9.94 14.92
CA CYS B 136 0.76 9.92 13.74
C CYS B 136 -0.24 11.06 13.86
N GLY B 137 -0.77 11.48 12.72
CA GLY B 137 -1.70 12.59 12.72
C GLY B 137 -2.30 12.90 11.37
N GLY B 138 -3.40 13.64 11.34
CA GLY B 138 -4.05 13.92 10.08
C GLY B 138 -5.13 14.98 10.15
N LEU B 139 -6.23 14.72 9.45
CA LEU B 139 -7.35 15.66 9.40
C LEU B 139 -8.21 15.66 10.65
N ASP B 140 -7.94 14.79 11.62
CA ASP B 140 -8.73 14.73 12.84
C ASP B 140 -8.28 15.72 13.91
N ASN B 141 -7.24 16.50 13.63
CA ASN B 141 -6.67 17.57 14.45
C ASN B 141 -5.90 17.07 15.66
N ILE B 142 -5.72 15.77 15.82
CA ILE B 142 -5.06 15.22 16.99
C ILE B 142 -3.78 14.52 16.55
N CYS B 143 -2.87 14.35 17.50
CA CYS B 143 -1.61 13.64 17.29
C CYS B 143 -1.62 12.40 18.17
N SER B 144 -1.63 11.23 17.56
CA SER B 144 -1.67 9.98 18.31
C SER B 144 -0.26 9.47 18.51
N ILE B 145 0.08 9.17 19.77
CA ILE B 145 1.36 8.60 20.15
C ILE B 145 1.12 7.15 20.52
N TYR B 146 1.75 6.24 19.78
CA TYR B 146 1.61 4.80 19.96
C TYR B 146 2.85 4.26 20.65
N ASN B 147 2.64 3.27 21.54
CA ASN B 147 3.67 2.68 22.37
C ASN B 147 3.93 1.26 21.86
N LEU B 148 5.10 1.05 21.25
CA LEU B 148 5.38 -0.21 20.60
C LEU B 148 5.89 -1.28 21.56
N LYS B 149 6.67 -0.89 22.56
CA LYS B 149 7.30 -1.86 23.45
C LYS B 149 6.49 -2.02 24.74
N THR B 150 5.27 -2.53 24.57
CA THR B 150 4.42 -2.89 25.69
C THR B 150 4.69 -4.33 26.11
N ARG B 151 4.31 -4.66 27.33
CA ARG B 151 4.49 -6.01 27.85
C ARG B 151 3.31 -6.92 27.55
N GLU B 152 2.30 -6.43 26.85
CA GLU B 152 1.16 -7.23 26.44
C GLU B 152 1.27 -7.71 25.00
N GLY B 153 2.34 -7.34 24.29
CA GLY B 153 2.50 -7.76 22.91
C GLY B 153 1.71 -6.99 21.90
N ASN B 154 1.10 -5.87 22.30
CA ASN B 154 0.29 -5.05 21.41
C ASN B 154 0.98 -3.72 21.12
N VAL B 155 0.30 -2.89 20.34
CA VAL B 155 0.70 -1.51 20.08
C VAL B 155 -0.50 -0.65 20.44
N ARG B 156 -0.53 -0.13 21.66
CA ARG B 156 -1.66 0.65 22.13
C ARG B 156 -1.49 2.12 21.80
N VAL B 157 -2.61 2.81 21.71
CA VAL B 157 -2.60 4.27 21.61
C VAL B 157 -2.21 4.81 22.98
N SER B 158 -0.96 5.24 23.13
CA SER B 158 -0.49 5.70 24.42
C SER B 158 -1.00 7.10 24.74
N ARG B 159 -1.25 7.93 23.72
CA ARG B 159 -1.67 9.30 23.98
C ARG B 159 -2.39 9.84 22.75
N GLU B 160 -3.33 10.75 22.98
CA GLU B 160 -4.00 11.50 21.91
C GLU B 160 -3.92 12.97 22.26
N LEU B 161 -3.03 13.70 21.60
CA LEU B 161 -2.80 15.11 21.86
C LEU B 161 -3.77 15.94 21.03
N ALA B 162 -4.67 16.66 21.70
CA ALA B 162 -5.65 17.51 21.06
C ALA B 162 -5.47 18.94 21.52
N GLY B 163 -5.87 19.88 20.66
CA GLY B 163 -5.70 21.29 20.95
C GLY B 163 -5.41 22.15 19.74
N HIS B 164 -5.16 21.53 18.59
CA HIS B 164 -5.03 22.28 17.36
C HIS B 164 -6.41 22.49 16.74
N THR B 165 -6.49 23.46 15.83
CA THR B 165 -7.75 23.85 15.21
C THR B 165 -7.80 23.52 13.72
N GLY B 166 -6.67 23.18 13.12
CA GLY B 166 -6.63 22.81 11.72
C GLY B 166 -5.95 21.47 11.55
N TYR B 167 -5.86 21.03 10.30
CA TYR B 167 -5.27 19.73 10.00
C TYR B 167 -3.81 19.70 10.43
N LEU B 168 -3.32 18.52 10.77
CA LEU B 168 -1.99 18.35 11.35
C LEU B 168 -1.05 17.88 10.24
N SER B 169 -0.08 18.72 9.88
CA SER B 169 0.69 18.42 8.68
C SER B 169 1.99 17.69 8.95
N CYS B 170 2.71 18.04 10.01
CA CYS B 170 3.96 17.37 10.33
C CYS B 170 4.14 17.29 11.84
N CYS B 171 4.86 16.26 12.27
CA CYS B 171 5.16 16.07 13.70
C CYS B 171 6.50 15.35 13.81
N ARG B 172 7.39 15.90 14.64
CA ARG B 172 8.73 15.36 14.79
C ARG B 172 9.04 15.18 16.27
N PHE B 173 9.38 13.95 16.66
CA PHE B 173 9.74 13.67 18.04
C PHE B 173 11.03 14.38 18.41
N LEU B 174 11.11 14.84 19.65
CA LEU B 174 12.29 15.50 20.18
C LEU B 174 12.94 14.69 21.30
N ASP B 175 12.15 14.28 22.28
CA ASP B 175 12.52 13.29 23.29
C ASP B 175 11.47 12.19 23.27
N ASP B 176 11.50 11.30 24.25
CA ASP B 176 10.37 10.40 24.44
C ASP B 176 9.25 11.04 25.24
N ASN B 177 9.42 12.29 25.67
CA ASN B 177 8.41 13.02 26.44
C ASN B 177 7.95 14.31 25.78
N GLN B 178 8.69 14.82 24.80
CA GLN B 178 8.33 16.07 24.13
C GLN B 178 8.21 15.83 22.64
N ILE B 179 7.22 16.47 22.02
CA ILE B 179 7.02 16.41 20.58
C ILE B 179 6.61 17.80 20.10
N VAL B 180 7.18 18.22 18.98
CA VAL B 180 6.83 19.49 18.34
C VAL B 180 6.14 19.18 17.03
N THR B 181 5.05 19.87 16.76
CA THR B 181 4.20 19.58 15.61
C THR B 181 3.70 20.88 15.02
N SER B 182 3.14 20.78 13.81
CA SER B 182 2.72 21.95 13.04
C SER B 182 1.37 21.65 12.40
N SER B 183 0.42 22.56 12.58
CA SER B 183 -0.92 22.33 12.07
C SER B 183 -1.31 23.43 11.08
N GLY B 184 -2.35 23.15 10.31
CA GLY B 184 -2.84 24.08 9.31
C GLY B 184 -3.70 25.20 9.84
N ASP B 185 -3.57 25.51 11.12
CA ASP B 185 -4.24 26.65 11.73
C ASP B 185 -3.26 27.78 12.05
N THR B 186 -2.20 27.88 11.24
CA THR B 186 -1.17 28.92 11.33
C THR B 186 -0.39 28.84 12.64
N THR B 187 -0.26 27.63 13.19
CA THR B 187 0.44 27.45 14.46
C THR B 187 1.32 26.21 14.43
N CYS B 188 2.40 26.28 15.22
CA CYS B 188 3.14 25.11 15.66
C CYS B 188 3.05 25.02 17.18
N ALA B 189 3.41 23.87 17.73
CA ALA B 189 3.28 23.68 19.17
C ALA B 189 4.24 22.63 19.66
N LEU B 190 4.79 22.88 20.85
CA LEU B 190 5.64 21.93 21.58
C LEU B 190 4.84 21.43 22.77
N TRP B 191 4.66 20.11 22.85
CA TRP B 191 3.76 19.46 23.77
C TRP B 191 4.51 18.85 24.95
N ASP B 192 3.75 18.17 25.80
CA ASP B 192 4.29 17.39 26.92
C ASP B 192 3.49 16.09 26.93
N ILE B 193 4.05 15.03 26.35
CA ILE B 193 3.32 13.80 26.08
C ILE B 193 2.83 13.16 27.38
N GLU B 194 3.52 13.39 28.49
CA GLU B 194 3.10 12.82 29.77
C GLU B 194 1.75 13.41 30.20
N THR B 195 1.67 14.74 30.29
CA THR B 195 0.42 15.37 30.68
C THR B 195 -0.53 15.52 29.49
N GLY B 196 -0.04 16.09 28.40
CA GLY B 196 -0.84 16.27 27.20
C GLY B 196 -1.10 17.70 26.81
N GLN B 197 -0.58 18.67 27.56
CA GLN B 197 -0.84 20.08 27.32
C GLN B 197 0.28 20.69 26.48
N GLN B 198 -0.07 21.72 25.72
CA GLN B 198 0.91 22.46 24.93
C GLN B 198 1.84 23.20 25.86
N THR B 199 3.11 22.81 25.89
CA THR B 199 4.09 23.57 26.66
C THR B 199 4.34 24.93 26.05
N THR B 200 4.53 24.99 24.73
CA THR B 200 4.80 26.25 24.04
C THR B 200 4.01 26.29 22.75
N THR B 201 3.50 27.46 22.39
CA THR B 201 2.84 27.67 21.11
C THR B 201 3.64 28.65 20.27
N PHE B 202 3.75 28.37 18.97
CA PHE B 202 4.51 29.17 18.03
C PHE B 202 3.56 29.76 17.01
N THR B 203 3.43 31.09 17.02
CA THR B 203 2.57 31.83 16.12
C THR B 203 3.40 32.87 15.36
N GLY B 204 2.86 33.32 14.23
CA GLY B 204 3.54 34.32 13.43
C GLY B 204 3.37 34.12 11.95
N HIS B 205 2.97 32.93 11.52
CA HIS B 205 2.72 32.69 10.12
C HIS B 205 1.38 33.30 9.71
N THR B 206 1.09 33.23 8.42
CA THR B 206 -0.14 33.78 7.88
C THR B 206 -1.04 32.72 7.25
N GLY B 207 -0.48 31.80 6.47
CA GLY B 207 -1.21 30.69 5.92
C GLY B 207 -0.96 29.42 6.70
N ASP B 208 -1.24 28.29 6.04
CA ASP B 208 -1.05 27.00 6.69
C ASP B 208 0.42 26.73 6.93
N VAL B 209 0.72 25.61 7.60
CA VAL B 209 2.08 25.16 7.82
C VAL B 209 2.14 23.69 7.42
N MET B 210 2.96 23.37 6.43
CA MET B 210 2.96 22.05 5.82
C MET B 210 4.29 21.32 5.94
N SER B 211 5.22 21.83 6.74
CA SER B 211 6.56 21.26 6.77
C SER B 211 7.25 21.66 8.06
N LEU B 212 8.11 20.77 8.54
CA LEU B 212 8.83 20.98 9.79
C LEU B 212 10.17 20.27 9.70
N SER B 213 11.21 20.86 10.28
CA SER B 213 12.47 20.13 10.41
C SER B 213 13.23 20.65 11.61
N LEU B 214 13.77 19.72 12.40
CA LEU B 214 14.47 20.01 13.63
C LEU B 214 15.98 20.05 13.41
N ALA B 215 16.63 21.01 14.05
CA ALA B 215 18.09 21.08 14.02
C ALA B 215 18.68 19.82 14.65
N PRO B 216 19.90 19.43 14.26
CA PRO B 216 20.51 18.23 14.83
C PRO B 216 20.76 18.32 16.33
N ASP B 217 20.97 19.52 16.87
CA ASP B 217 21.11 19.68 18.31
C ASP B 217 19.78 19.83 19.03
N THR B 218 18.68 19.95 18.27
CA THR B 218 17.31 20.03 18.80
C THR B 218 17.16 21.16 19.81
N ARG B 219 17.64 22.35 19.43
CA ARG B 219 17.24 23.58 20.09
C ARG B 219 16.50 24.54 19.17
N LEU B 220 16.70 24.43 17.86
CA LEU B 220 16.03 25.23 16.86
C LEU B 220 15.27 24.32 15.91
N PHE B 221 14.28 24.89 15.23
CA PHE B 221 13.64 24.20 14.13
C PHE B 221 13.11 25.23 13.14
N VAL B 222 12.80 24.76 11.93
CA VAL B 222 12.30 25.62 10.89
C VAL B 222 11.04 25.01 10.29
N SER B 223 10.12 25.88 9.90
CA SER B 223 8.92 25.44 9.18
C SER B 223 8.76 26.26 7.92
N GLY B 224 8.09 25.68 6.94
CA GLY B 224 7.77 26.38 5.72
C GLY B 224 6.27 26.48 5.55
N ALA B 225 5.75 27.70 5.45
CA ALA B 225 4.32 27.91 5.48
C ALA B 225 3.73 27.93 4.08
N CYS B 226 2.41 27.88 4.02
CA CYS B 226 1.67 28.11 2.78
C CYS B 226 1.55 29.60 2.53
N ASP B 227 2.67 30.31 2.69
CA ASP B 227 2.69 31.77 2.68
C ASP B 227 3.90 32.27 1.89
N ALA B 228 4.65 31.37 1.27
CA ALA B 228 5.94 31.66 0.64
C ALA B 228 6.90 32.28 1.65
N SER B 229 7.08 31.60 2.77
CA SER B 229 8.01 32.03 3.80
C SER B 229 8.37 30.84 4.68
N ALA B 230 9.57 30.91 5.26
CA ALA B 230 10.03 29.93 6.24
C ALA B 230 10.44 30.67 7.50
N LYS B 231 10.35 29.99 8.63
CA LYS B 231 10.66 30.63 9.90
C LYS B 231 11.49 29.70 10.77
N LEU B 232 12.33 30.32 11.60
CA LEU B 232 13.27 29.64 12.50
C LEU B 232 12.92 29.95 13.95
N TRP B 233 12.35 28.97 14.66
CA TRP B 233 12.06 29.14 16.07
C TRP B 233 13.07 28.39 16.93
N ASP B 234 13.14 28.80 18.20
CA ASP B 234 13.90 28.09 19.23
C ASP B 234 12.93 27.55 20.26
N VAL B 235 12.96 26.23 20.48
CA VAL B 235 11.95 25.57 21.29
C VAL B 235 12.05 25.93 22.77
N ARG B 236 13.19 26.47 23.22
CA ARG B 236 13.34 26.77 24.63
C ARG B 236 12.69 28.09 25.01
N GLU B 237 12.70 29.08 24.11
CA GLU B 237 12.13 30.39 24.40
C GLU B 237 10.68 30.50 23.93
N GLY B 238 10.45 30.33 22.62
CA GLY B 238 9.11 30.43 22.08
C GLY B 238 8.93 31.62 21.16
N MET B 239 10.02 32.11 20.58
CA MET B 239 10.00 33.29 19.73
C MET B 239 10.60 32.95 18.38
N CYS B 240 10.26 33.76 17.38
CA CYS B 240 10.78 33.58 16.03
C CYS B 240 12.09 34.35 15.89
N ARG B 241 13.17 33.62 15.63
CA ARG B 241 14.47 34.27 15.47
C ARG B 241 14.56 34.98 14.12
N GLN B 242 14.38 34.24 13.02
CA GLN B 242 14.52 34.80 11.70
C GLN B 242 13.43 34.25 10.79
N THR B 243 13.15 34.99 9.72
CA THR B 243 12.23 34.58 8.68
C THR B 243 12.88 34.77 7.32
N PHE B 244 12.60 33.83 6.42
CA PHE B 244 13.25 33.75 5.12
C PHE B 244 12.18 33.78 4.03
N THR B 245 12.26 34.77 3.15
CA THR B 245 11.38 34.93 2.01
C THR B 245 12.18 34.75 0.73
N GLY B 246 11.45 34.62 -0.38
CA GLY B 246 12.10 34.47 -1.67
C GLY B 246 11.38 33.54 -2.61
N HIS B 247 10.51 32.68 -2.06
CA HIS B 247 9.72 31.81 -2.91
C HIS B 247 8.51 32.56 -3.46
N GLU B 248 7.76 31.89 -4.33
CA GLU B 248 6.59 32.48 -4.96
C GLU B 248 5.32 31.65 -4.76
N SER B 249 5.40 30.53 -4.06
CA SER B 249 4.25 29.64 -3.90
C SER B 249 4.37 28.98 -2.53
N ASP B 250 3.61 27.90 -2.33
CA ASP B 250 3.66 27.13 -1.10
C ASP B 250 5.07 26.58 -0.85
N ILE B 251 5.29 26.12 0.37
CA ILE B 251 6.53 25.43 0.73
C ILE B 251 6.12 24.08 1.28
N ASN B 252 6.14 23.07 0.41
CA ASN B 252 5.64 21.75 0.77
C ASN B 252 6.63 20.92 1.57
N ALA B 253 7.87 21.39 1.74
CA ALA B 253 8.87 20.57 2.41
C ALA B 253 10.01 21.45 2.89
N ILE B 254 10.71 20.96 3.91
CA ILE B 254 11.88 21.65 4.46
C ILE B 254 12.79 20.62 5.09
N CYS B 255 14.08 20.94 5.16
CA CYS B 255 15.09 20.02 5.71
C CYS B 255 16.39 20.75 6.01
N PHE B 256 16.96 20.53 7.19
CA PHE B 256 18.23 21.14 7.53
C PHE B 256 19.40 20.53 6.76
N PHE B 257 20.47 21.31 6.69
CA PHE B 257 21.80 20.86 6.27
C PHE B 257 22.42 20.09 7.44
N PRO B 258 23.24 19.06 7.15
CA PRO B 258 23.70 18.16 8.22
C PRO B 258 24.49 18.81 9.36
N ASN B 259 24.85 20.09 9.28
CA ASN B 259 25.50 20.76 10.40
C ASN B 259 24.62 21.83 11.03
N GLY B 260 23.35 21.92 10.63
CA GLY B 260 22.42 22.84 11.25
C GLY B 260 22.73 24.31 11.07
N ASN B 261 23.28 24.70 9.92
CA ASN B 261 23.52 26.10 9.63
C ASN B 261 22.99 26.48 8.24
N ALA B 262 22.04 25.72 7.72
CA ALA B 262 21.42 25.95 6.42
C ALA B 262 20.24 24.99 6.30
N PHE B 263 19.29 25.35 5.46
CA PHE B 263 18.19 24.44 5.15
C PHE B 263 17.75 24.65 3.72
N ALA B 264 16.96 23.70 3.21
CA ALA B 264 16.52 23.69 1.83
C ALA B 264 15.02 23.49 1.79
N THR B 265 14.31 24.46 1.21
CA THR B 265 12.86 24.38 1.04
C THR B 265 12.52 23.82 -0.34
N GLY B 266 11.41 23.09 -0.40
CA GLY B 266 10.92 22.62 -1.68
C GLY B 266 9.53 23.14 -1.97
N SER B 267 9.41 24.03 -2.94
CA SER B 267 8.18 24.76 -3.18
C SER B 267 7.29 24.08 -4.22
N ASP B 268 6.26 24.81 -4.65
CA ASP B 268 5.29 24.34 -5.62
C ASP B 268 5.50 24.95 -7.00
N ASP B 269 6.36 25.97 -7.10
CA ASP B 269 6.70 26.58 -8.39
C ASP B 269 7.89 25.92 -9.06
N ALA B 270 8.14 24.64 -8.77
CA ALA B 270 9.21 23.84 -9.37
C ALA B 270 10.58 24.47 -9.14
N THR B 271 10.93 24.63 -7.86
CA THR B 271 12.19 25.27 -7.48
C THR B 271 12.51 24.92 -6.04
N CYS B 272 13.71 24.39 -5.80
CA CYS B 272 14.23 24.29 -4.45
C CYS B 272 15.18 25.46 -4.20
N ARG B 273 15.48 25.71 -2.93
CA ARG B 273 16.38 26.81 -2.57
C ARG B 273 17.28 26.34 -1.43
N LEU B 274 18.18 27.22 -1.01
CA LEU B 274 19.13 26.92 0.06
C LEU B 274 19.40 28.20 0.83
N PHE B 275 18.75 28.36 1.98
CA PHE B 275 18.96 29.51 2.83
C PHE B 275 20.07 29.23 3.83
N ASP B 276 20.56 30.29 4.46
CA ASP B 276 21.69 30.18 5.38
C ASP B 276 21.42 31.05 6.59
N LEU B 277 21.53 30.46 7.78
CA LEU B 277 21.07 31.12 9.01
C LEU B 277 22.02 32.20 9.49
N ARG B 278 23.30 32.17 9.10
CA ARG B 278 24.22 33.21 9.54
C ARG B 278 24.31 34.35 8.54
N ALA B 279 24.38 34.04 7.24
CA ALA B 279 24.31 35.09 6.23
C ALA B 279 22.91 35.67 6.11
N ASP B 280 21.90 35.00 6.67
CA ASP B 280 20.51 35.44 6.75
C ASP B 280 19.87 35.64 5.38
N GLN B 281 20.42 35.04 4.33
CA GLN B 281 19.95 35.26 2.97
C GLN B 281 19.69 33.93 2.28
N GLU B 282 19.45 34.03 0.98
CA GLU B 282 19.33 32.90 0.08
C GLU B 282 20.67 32.70 -0.64
N LEU B 283 21.02 31.44 -0.87
CA LEU B 283 22.29 31.13 -1.53
C LEU B 283 22.13 30.62 -2.96
N MET B 284 21.32 29.60 -3.17
CA MET B 284 21.21 28.97 -4.48
C MET B 284 19.76 28.88 -4.91
N THR B 285 19.55 28.34 -6.10
CA THR B 285 18.21 28.17 -6.67
C THR B 285 18.26 26.96 -7.58
N TYR B 286 17.69 25.84 -7.14
CA TYR B 286 17.76 24.58 -7.87
C TYR B 286 16.47 24.44 -8.69
N SER B 287 16.59 24.76 -9.98
CA SER B 287 15.47 24.78 -10.91
C SER B 287 15.95 24.53 -12.33
N HIS B 288 15.22 23.69 -13.05
CA HIS B 288 15.53 23.36 -14.43
C HIS B 288 14.34 23.72 -15.31
N ASP B 289 14.60 24.03 -16.58
CA ASP B 289 13.55 24.50 -17.48
C ASP B 289 12.59 23.39 -17.86
N ASN B 290 13.05 22.13 -17.86
CA ASN B 290 12.16 21.01 -18.10
C ASN B 290 11.19 20.85 -16.93
N ILE B 291 11.61 21.21 -15.73
CA ILE B 291 10.82 21.00 -14.52
C ILE B 291 9.74 22.09 -14.44
N ILE B 292 8.48 21.66 -14.40
CA ILE B 292 7.36 22.57 -14.23
C ILE B 292 6.43 22.15 -13.09
N CYS B 293 6.76 21.08 -12.37
CA CYS B 293 5.90 20.54 -11.32
C CYS B 293 6.53 20.76 -9.95
N GLY B 294 5.67 20.81 -8.92
CA GLY B 294 6.12 21.20 -7.60
C GLY B 294 6.76 20.07 -6.83
N ILE B 295 7.65 20.45 -5.90
CA ILE B 295 8.36 19.52 -5.04
C ILE B 295 7.42 19.10 -3.91
N THR B 296 7.39 17.80 -3.62
CA THR B 296 6.66 17.30 -2.47
C THR B 296 7.55 17.03 -1.26
N SER B 297 8.85 16.81 -1.47
CA SER B 297 9.75 16.46 -0.37
C SER B 297 11.22 16.62 -0.74
N VAL B 298 11.99 17.33 0.07
CA VAL B 298 13.43 17.38 -0.09
C VAL B 298 14.09 16.64 1.07
N SER B 299 15.32 16.20 0.85
CA SER B 299 16.12 15.55 1.89
C SER B 299 17.58 15.57 1.45
N PHE B 300 18.45 16.15 2.28
CA PHE B 300 19.87 16.16 1.99
C PHE B 300 20.47 14.76 2.09
N SER B 301 21.75 14.67 1.76
CA SER B 301 22.53 13.46 1.96
C SER B 301 23.25 13.56 3.31
N LYS B 302 24.16 12.62 3.58
CA LYS B 302 24.81 12.59 4.90
C LYS B 302 25.86 13.68 5.00
N SER B 303 26.65 13.89 3.95
CA SER B 303 27.67 14.94 3.97
C SER B 303 27.14 16.29 3.50
N GLY B 304 25.99 16.32 2.83
CA GLY B 304 25.43 17.56 2.35
C GLY B 304 25.79 17.92 0.93
N ARG B 305 26.29 16.97 0.14
CA ARG B 305 26.70 17.23 -1.23
C ARG B 305 25.63 16.82 -2.24
N LEU B 306 24.53 16.26 -1.78
CA LEU B 306 23.39 15.97 -2.63
C LEU B 306 22.15 16.63 -2.04
N LEU B 307 21.12 16.76 -2.87
CA LEU B 307 19.83 17.27 -2.40
C LEU B 307 18.76 16.57 -3.23
N LEU B 308 18.24 15.47 -2.70
CA LEU B 308 17.17 14.78 -3.37
C LEU B 308 15.87 15.57 -3.21
N ALA B 309 14.98 15.43 -4.20
CA ALA B 309 13.77 16.23 -4.23
C ALA B 309 12.72 15.49 -5.03
N GLY B 310 11.72 14.93 -4.33
CA GLY B 310 10.65 14.24 -5.03
C GLY B 310 9.72 15.24 -5.69
N TYR B 311 9.29 14.94 -6.91
CA TYR B 311 8.51 15.86 -7.72
C TYR B 311 7.14 15.28 -8.03
N ASP B 312 6.27 16.13 -8.56
CA ASP B 312 4.95 15.69 -8.98
C ASP B 312 4.98 14.84 -10.25
N ASP B 313 6.01 14.97 -11.09
CA ASP B 313 6.08 14.28 -12.37
C ASP B 313 6.64 12.87 -12.25
N PHE B 314 6.45 12.24 -11.08
CA PHE B 314 6.59 10.82 -10.77
C PHE B 314 8.03 10.38 -10.52
N ASN B 315 9.00 11.29 -10.45
CA ASN B 315 10.38 10.87 -10.24
C ASN B 315 11.14 11.90 -9.44
N CYS B 316 12.06 11.42 -8.60
CA CYS B 316 12.93 12.29 -7.82
C CYS B 316 14.06 12.85 -8.68
N ASN B 317 14.84 13.74 -8.10
CA ASN B 317 16.05 14.26 -8.71
C ASN B 317 17.19 14.10 -7.72
N VAL B 318 18.42 14.40 -8.17
CA VAL B 318 19.57 14.45 -7.28
C VAL B 318 20.37 15.69 -7.64
N TRP B 319 20.21 16.76 -6.87
CA TRP B 319 20.86 18.03 -7.15
C TRP B 319 22.20 18.10 -6.44
N ASP B 320 23.25 18.41 -7.19
CA ASP B 320 24.51 18.80 -6.58
C ASP B 320 24.33 20.09 -5.81
N ALA B 321 24.46 20.03 -4.49
CA ALA B 321 24.07 21.11 -3.62
C ALA B 321 25.19 22.12 -3.40
N LEU B 322 26.11 22.24 -4.35
CA LEU B 322 27.09 23.32 -4.33
C LEU B 322 27.27 24.00 -5.68
N LYS B 323 26.68 23.46 -6.75
CA LYS B 323 26.76 24.08 -8.06
C LYS B 323 25.44 24.04 -8.84
N ALA B 324 24.38 23.48 -8.27
CA ALA B 324 23.03 23.35 -8.83
C ALA B 324 22.94 22.39 -10.01
N ASP B 325 24.06 21.82 -10.44
CA ASP B 325 24.05 20.92 -11.60
C ASP B 325 23.36 19.61 -11.22
N ARG B 326 22.19 19.36 -11.80
CA ARG B 326 21.49 18.11 -11.59
C ARG B 326 22.38 16.94 -11.97
N ALA B 327 22.38 15.91 -11.12
CA ALA B 327 23.36 14.83 -11.24
C ALA B 327 22.70 13.47 -11.08
N GLY B 328 21.56 13.28 -11.69
CA GLY B 328 20.91 11.97 -11.70
C GLY B 328 19.41 12.09 -11.52
N VAL B 329 18.73 10.96 -11.72
CA VAL B 329 17.28 10.88 -11.64
C VAL B 329 16.91 9.50 -11.13
N LEU B 330 16.07 9.44 -10.10
CA LEU B 330 15.57 8.18 -9.55
C LEU B 330 14.14 7.99 -10.06
N ALA B 331 14.01 7.47 -11.27
CA ALA B 331 12.71 7.26 -11.91
C ALA B 331 12.35 5.79 -11.83
N GLY B 332 11.56 5.43 -10.82
CA GLY B 332 11.09 4.07 -10.71
C GLY B 332 9.63 3.97 -10.30
N HIS B 333 9.02 5.11 -10.01
CA HIS B 333 7.64 5.14 -9.57
C HIS B 333 6.72 5.43 -10.76
N ASP B 334 5.44 5.11 -10.59
CA ASP B 334 4.44 5.40 -11.62
C ASP B 334 3.27 6.20 -11.05
N ASN B 335 3.55 7.05 -10.07
CA ASN B 335 2.60 8.01 -9.54
C ASN B 335 3.39 9.00 -8.69
N ARG B 336 2.73 10.09 -8.30
CA ARG B 336 3.36 11.18 -7.57
C ARG B 336 4.08 10.67 -6.33
N VAL B 337 5.33 11.08 -6.16
CA VAL B 337 6.15 10.60 -5.05
C VAL B 337 5.96 11.53 -3.85
N SER B 338 5.49 10.95 -2.75
CA SER B 338 5.34 11.63 -1.46
C SER B 338 6.67 11.68 -0.73
N CYS B 339 6.64 11.92 0.57
CA CYS B 339 7.84 12.15 1.35
C CYS B 339 8.86 11.02 1.22
N LEU B 340 10.13 11.40 1.12
CA LEU B 340 11.26 10.49 1.06
C LEU B 340 12.21 10.81 2.21
N GLY B 341 13.21 9.95 2.40
CA GLY B 341 14.16 10.19 3.47
C GLY B 341 15.46 9.43 3.33
N VAL B 342 16.57 10.11 3.58
CA VAL B 342 17.89 9.50 3.54
C VAL B 342 18.24 9.02 4.92
N THR B 343 18.79 7.80 4.99
CA THR B 343 19.07 7.11 6.24
C THR B 343 20.06 7.89 7.09
N ASP B 344 20.11 7.56 8.38
CA ASP B 344 20.97 8.29 9.31
C ASP B 344 22.44 7.93 9.14
N ASP B 345 22.73 6.69 8.73
CA ASP B 345 24.11 6.29 8.49
C ASP B 345 24.56 6.56 7.06
N GLY B 346 23.64 6.73 6.13
CA GLY B 346 23.96 7.14 4.78
C GLY B 346 23.66 6.12 3.71
N MET B 347 23.43 4.86 4.07
CA MET B 347 23.45 3.77 3.09
C MET B 347 22.25 3.75 2.16
N ALA B 348 21.19 4.51 2.40
CA ALA B 348 20.01 4.32 1.58
C ALA B 348 19.17 5.58 1.49
N VAL B 349 18.34 5.62 0.45
CA VAL B 349 17.25 6.56 0.29
C VAL B 349 15.98 5.71 0.25
N ALA B 350 14.85 6.29 0.65
CA ALA B 350 13.60 5.53 0.67
C ALA B 350 12.46 6.47 0.27
N THR B 351 12.10 6.45 -1.00
CA THR B 351 10.95 7.19 -1.48
C THR B 351 9.67 6.39 -1.22
N GLY B 352 8.54 7.09 -1.31
CA GLY B 352 7.24 6.46 -1.19
C GLY B 352 6.23 7.26 -1.96
N SER B 353 5.44 6.62 -2.81
CA SER B 353 4.61 7.33 -3.77
C SER B 353 3.16 6.89 -3.64
N TRP B 354 2.32 7.46 -4.49
CA TRP B 354 0.88 7.27 -4.43
C TRP B 354 0.41 5.96 -5.06
N ASP B 355 1.32 5.14 -5.57
CA ASP B 355 0.96 3.82 -6.07
C ASP B 355 1.12 2.73 -5.01
N SER B 356 1.29 3.13 -3.74
CA SER B 356 1.33 2.23 -2.58
C SER B 356 2.56 1.32 -2.60
N PHE B 357 3.69 1.85 -3.06
CA PHE B 357 4.94 1.12 -3.07
C PHE B 357 6.04 2.01 -2.51
N LEU B 358 6.78 1.51 -1.52
CA LEU B 358 8.03 2.14 -1.14
C LEU B 358 9.16 1.49 -1.92
N LYS B 359 10.21 2.24 -2.14
CA LYS B 359 11.42 1.73 -2.77
C LYS B 359 12.61 2.18 -1.94
N ILE B 360 13.72 1.45 -2.07
CA ILE B 360 14.92 1.74 -1.30
C ILE B 360 16.08 1.78 -2.28
N TRP B 361 16.44 2.98 -2.73
CA TRP B 361 17.53 3.18 -3.67
C TRP B 361 18.86 3.15 -2.93
N ASN B 362 19.93 3.03 -3.69
CA ASN B 362 21.26 2.91 -3.10
C ASN B 362 22.37 3.13 -4.14
N THR C 6 -8.09 49.82 16.48
CA THR C 6 -9.08 49.15 17.31
C THR C 6 -8.59 47.76 17.73
N ALA C 7 -8.79 46.78 16.86
CA ALA C 7 -8.35 45.42 17.10
C ALA C 7 -7.03 45.09 16.43
N SER C 8 -6.83 45.53 15.20
CA SER C 8 -5.59 45.26 14.47
C SER C 8 -4.41 46.05 14.99
N ILE C 9 -4.62 47.01 15.90
CA ILE C 9 -3.51 47.78 16.45
C ILE C 9 -2.60 46.88 17.29
N ALA C 10 -3.15 45.84 17.91
CA ALA C 10 -2.31 44.87 18.61
C ALA C 10 -1.43 44.11 17.63
N GLN C 11 -1.98 43.73 16.47
CA GLN C 11 -1.18 43.13 15.42
C GLN C 11 -0.08 44.08 14.95
N ALA C 12 -0.39 45.38 14.88
CA ALA C 12 0.60 46.35 14.44
C ALA C 12 1.75 46.47 15.44
N ARG C 13 1.41 46.59 16.74
CA ARG C 13 2.45 46.66 17.77
C ARG C 13 3.31 45.40 17.79
N LYS C 14 2.67 44.23 17.77
CA LYS C 14 3.45 42.99 17.83
C LYS C 14 4.28 42.79 16.57
N LEU C 15 3.79 43.26 15.41
CA LEU C 15 4.55 43.12 14.18
C LEU C 15 5.78 44.03 14.18
N VAL C 16 5.61 45.29 14.59
CA VAL C 16 6.77 46.18 14.61
C VAL C 16 7.74 45.77 15.71
N GLU C 17 7.27 45.18 16.81
CA GLU C 17 8.18 44.73 17.85
C GLU C 17 8.95 43.49 17.40
N GLN C 18 8.27 42.55 16.72
CA GLN C 18 8.96 41.39 16.17
C GLN C 18 9.98 41.81 15.11
N LEU C 19 9.63 42.80 14.28
CA LEU C 19 10.57 43.29 13.28
C LEU C 19 11.76 43.99 13.93
N LYS C 20 11.53 44.73 15.02
CA LYS C 20 12.63 45.34 15.77
C LYS C 20 13.55 44.27 16.35
N MET C 21 12.98 43.20 16.88
CA MET C 21 13.80 42.14 17.48
C MET C 21 14.50 41.29 16.43
N GLU C 22 13.96 41.22 15.22
CA GLU C 22 14.57 40.45 14.14
C GLU C 22 15.62 41.24 13.37
N ALA C 23 15.49 42.57 13.33
CA ALA C 23 16.42 43.39 12.58
C ALA C 23 17.78 43.53 13.24
N ASN C 24 17.86 43.37 14.57
CA ASN C 24 19.10 43.60 15.31
C ASN C 24 19.78 42.25 15.55
N ILE C 25 20.41 41.73 14.50
CA ILE C 25 21.22 40.52 14.58
C ILE C 25 22.46 40.74 13.71
N ASP C 26 23.62 40.31 14.22
CA ASP C 26 24.86 40.47 13.47
C ASP C 26 25.00 39.35 12.44
N ARG C 27 25.26 39.73 11.19
CA ARG C 27 25.39 38.79 10.10
C ARG C 27 26.85 38.65 9.69
N ILE C 28 27.15 37.56 9.02
CA ILE C 28 28.45 37.34 8.45
C ILE C 28 28.33 37.39 6.92
N LYS C 29 29.46 37.47 6.24
CA LYS C 29 29.45 37.60 4.79
C LYS C 29 29.04 36.29 4.13
N VAL C 30 28.70 36.37 2.84
CA VAL C 30 28.32 35.17 2.10
C VAL C 30 29.56 34.37 1.72
N SER C 31 30.71 35.02 1.60
CA SER C 31 31.94 34.29 1.32
C SER C 31 32.34 33.39 2.48
N LYS C 32 32.19 33.87 3.71
CA LYS C 32 32.55 33.06 4.88
C LYS C 32 31.61 31.88 5.04
N ALA C 33 30.30 32.10 4.87
CA ALA C 33 29.33 31.02 4.99
C ALA C 33 29.49 30.02 3.84
N ALA C 34 29.82 30.52 2.64
CA ALA C 34 30.10 29.63 1.53
C ALA C 34 31.32 28.77 1.79
N ALA C 35 32.37 29.37 2.37
CA ALA C 35 33.57 28.60 2.70
C ALA C 35 33.28 27.58 3.79
N ASP C 36 32.41 27.91 4.74
CA ASP C 36 32.02 26.95 5.77
C ASP C 36 31.27 25.77 5.16
N LEU C 37 30.34 26.05 4.24
CA LEU C 37 29.60 24.97 3.60
C LEU C 37 30.52 24.11 2.74
N MET C 38 31.50 24.73 2.07
CA MET C 38 32.46 23.97 1.30
C MET C 38 33.34 23.10 2.19
N ALA C 39 33.78 23.64 3.33
CA ALA C 39 34.60 22.87 4.26
C ALA C 39 33.83 21.67 4.80
N TYR C 40 32.54 21.86 5.11
CA TYR C 40 31.76 20.72 5.59
C TYR C 40 31.54 19.69 4.48
N CYS C 41 31.26 20.15 3.25
CA CYS C 41 31.01 19.22 2.16
C CYS C 41 32.29 18.51 1.71
N GLU C 42 33.46 19.07 1.99
CA GLU C 42 34.71 18.47 1.56
C GLU C 42 35.44 17.72 2.66
N ALA C 43 35.09 17.94 3.92
CA ALA C 43 35.71 17.20 5.01
C ALA C 43 35.03 15.88 5.29
N HIS C 44 33.75 15.74 4.90
CA HIS C 44 32.99 14.52 5.11
C HIS C 44 32.65 13.82 3.81
N ALA C 45 33.43 14.05 2.76
CA ALA C 45 33.11 13.47 1.45
C ALA C 45 33.40 11.98 1.38
N LYS C 46 34.18 11.44 2.32
CA LYS C 46 34.48 10.01 2.34
C LYS C 46 33.43 9.22 3.09
N GLU C 47 32.75 9.82 4.07
CA GLU C 47 31.76 9.15 4.89
C GLU C 47 30.37 9.18 4.27
N ASP C 48 30.25 9.50 2.98
CA ASP C 48 28.96 9.56 2.31
C ASP C 48 28.83 8.38 1.36
N PRO C 49 28.04 7.35 1.69
CA PRO C 49 27.88 6.21 0.79
C PRO C 49 26.93 6.43 -0.37
N LEU C 50 26.51 7.67 -0.62
CA LEU C 50 25.71 8.03 -1.78
C LEU C 50 26.46 8.90 -2.76
N LEU C 51 27.29 9.82 -2.26
CA LEU C 51 28.21 10.55 -3.12
C LEU C 51 29.23 9.61 -3.74
N THR C 52 29.99 8.93 -2.89
CA THR C 52 30.93 7.91 -3.34
C THR C 52 30.44 6.51 -2.94
N PRO C 53 29.98 5.70 -3.88
CA PRO C 53 29.43 4.39 -3.52
C PRO C 53 30.50 3.46 -2.95
N VAL C 54 30.13 2.78 -1.87
CA VAL C 54 30.99 1.77 -1.24
C VAL C 54 30.84 0.48 -2.03
N PRO C 55 31.80 -0.44 -1.96
CA PRO C 55 31.65 -1.73 -2.67
C PRO C 55 30.49 -2.55 -2.14
N ALA C 56 30.17 -3.61 -2.88
CA ALA C 56 29.03 -4.46 -2.57
C ALA C 56 29.33 -5.49 -1.48
N SER C 57 30.41 -5.31 -0.72
CA SER C 57 30.72 -6.15 0.42
C SER C 57 30.47 -5.44 1.75
N GLU C 58 30.19 -4.14 1.72
CA GLU C 58 29.77 -3.39 2.89
C GLU C 58 28.35 -2.86 2.79
N ASN C 59 27.81 -2.78 1.59
CA ASN C 59 26.42 -2.38 1.36
C ASN C 59 25.48 -3.44 1.90
N PRO C 60 24.69 -3.15 2.94
CA PRO C 60 23.86 -4.18 3.56
C PRO C 60 22.50 -4.40 2.91
N PHE C 61 22.14 -3.60 1.91
CA PHE C 61 20.85 -3.75 1.25
C PHE C 61 20.90 -4.69 0.04
N ARG C 62 22.06 -4.86 -0.58
CA ARG C 62 22.18 -5.77 -1.70
C ARG C 62 22.81 -7.11 -1.33
N GLU C 63 23.40 -7.22 -0.15
CA GLU C 63 23.98 -8.47 0.34
C GLU C 63 22.93 -9.49 0.77
N LYS C 64 21.65 -9.23 0.51
CA LYS C 64 20.54 -10.16 0.76
C LYS C 64 20.43 -10.55 2.23
N VAL D 2 0.16 -9.63 33.07
CA VAL D 2 0.59 -10.85 32.38
C VAL D 2 0.59 -12.01 33.36
N GLN D 3 -0.09 -13.10 33.01
CA GLN D 3 -0.18 -14.25 33.89
C GLN D 3 -0.47 -15.49 33.08
N LEU D 4 0.32 -16.54 33.32
CA LEU D 4 0.10 -17.88 32.80
C LEU D 4 -0.09 -18.82 33.98
N VAL D 5 -1.10 -19.70 33.91
CA VAL D 5 -1.28 -20.69 34.96
C VAL D 5 -1.72 -22.01 34.34
N GLU D 6 -1.18 -23.10 34.88
CA GLU D 6 -1.30 -24.43 34.29
C GLU D 6 -2.10 -25.35 35.21
N SER D 7 -2.60 -26.43 34.63
CA SER D 7 -3.43 -27.39 35.36
C SER D 7 -3.39 -28.73 34.65
N GLY D 8 -3.53 -29.80 35.44
CA GLY D 8 -3.63 -31.14 34.88
C GLY D 8 -2.61 -32.13 35.42
N GLY D 9 -1.99 -31.81 36.54
CA GLY D 9 -0.93 -32.65 37.08
C GLY D 9 -1.43 -33.89 37.81
N GLY D 10 -0.75 -34.26 38.89
CA GLY D 10 -1.20 -35.38 39.69
C GLY D 10 -0.63 -36.72 39.25
N LEU D 11 -0.97 -37.75 40.03
CA LEU D 11 -0.42 -39.07 39.83
C LEU D 11 -1.08 -39.74 38.64
N VAL D 12 -0.26 -40.35 37.78
CA VAL D 12 -0.71 -40.99 36.54
C VAL D 12 -0.19 -42.42 36.53
N GLN D 13 -0.98 -43.33 35.94
CA GLN D 13 -0.45 -44.68 35.81
C GLN D 13 0.30 -44.84 34.49
N PRO D 14 1.38 -45.63 34.48
CA PRO D 14 2.17 -45.77 33.25
C PRO D 14 1.38 -46.46 32.15
N GLY D 15 1.56 -45.98 30.92
CA GLY D 15 0.79 -46.46 29.79
C GLY D 15 -0.54 -45.78 29.59
N GLY D 16 -0.87 -44.77 30.38
CA GLY D 16 -2.12 -44.04 30.27
C GLY D 16 -2.02 -42.85 29.34
N SER D 17 -2.86 -41.85 29.60
CA SER D 17 -2.87 -40.63 28.81
C SER D 17 -3.40 -39.49 29.66
N ARG D 18 -2.90 -38.29 29.38
CA ARG D 18 -3.29 -37.08 30.10
C ARG D 18 -3.44 -35.92 29.12
N LYS D 19 -4.00 -34.84 29.62
CA LYS D 19 -4.05 -33.57 28.89
C LYS D 19 -3.72 -32.45 29.87
N LEU D 20 -2.70 -31.66 29.54
CA LEU D 20 -2.31 -30.52 30.33
C LEU D 20 -2.89 -29.25 29.72
N SER D 21 -3.31 -28.32 30.56
CA SER D 21 -3.95 -27.09 30.13
C SER D 21 -3.21 -25.88 30.68
N CYS D 22 -3.20 -24.81 29.89
CA CYS D 22 -2.45 -23.60 30.19
C CYS D 22 -3.34 -22.42 29.84
N SER D 23 -3.85 -21.71 30.84
CA SER D 23 -4.67 -20.54 30.63
C SER D 23 -3.82 -19.28 30.79
N ALA D 24 -4.05 -18.31 29.90
CA ALA D 24 -3.19 -17.15 29.74
C ALA D 24 -4.03 -15.88 29.81
N SER D 25 -3.99 -15.20 30.94
CA SER D 25 -4.73 -13.96 31.14
C SER D 25 -3.76 -12.81 31.29
N GLY D 26 -3.97 -11.74 30.53
CA GLY D 26 -3.20 -10.51 30.68
C GLY D 26 -2.40 -10.08 29.48
N PHE D 27 -2.33 -10.86 28.39
CA PHE D 27 -1.59 -10.43 27.21
C PHE D 27 -2.32 -10.90 25.96
N ALA D 28 -1.72 -10.62 24.81
CA ALA D 28 -2.32 -10.92 23.51
C ALA D 28 -1.87 -12.31 23.09
N PHE D 29 -2.59 -13.33 23.60
CA PHE D 29 -2.26 -14.72 23.33
C PHE D 29 -2.28 -15.08 21.85
N SER D 30 -3.07 -14.36 21.04
CA SER D 30 -3.23 -14.73 19.63
C SER D 30 -1.97 -14.52 18.81
N SER D 31 -1.01 -13.72 19.30
CA SER D 31 0.18 -13.36 18.54
C SER D 31 1.45 -13.74 19.30
N PHE D 32 1.41 -14.88 20.00
CA PHE D 32 2.53 -15.30 20.85
C PHE D 32 2.75 -16.79 20.63
N GLY D 33 3.88 -17.15 20.05
CA GLY D 33 4.25 -18.55 20.00
C GLY D 33 4.45 -19.11 21.39
N MET D 34 4.15 -20.39 21.56
CA MET D 34 4.13 -20.97 22.90
C MET D 34 4.93 -22.27 22.94
N HIS D 35 5.78 -22.38 23.95
CA HIS D 35 6.58 -23.57 24.19
C HIS D 35 6.12 -24.25 25.46
N TRP D 36 6.30 -25.55 25.52
CA TRP D 36 6.27 -26.31 26.77
C TRP D 36 7.70 -26.67 27.12
N VAL D 37 8.00 -26.67 28.42
CA VAL D 37 9.35 -27.01 28.89
C VAL D 37 9.19 -27.83 30.16
N ARG D 38 9.73 -29.03 30.16
CA ARG D 38 9.63 -29.88 31.34
C ARG D 38 10.82 -29.63 32.26
N GLN D 39 10.82 -30.34 33.38
CA GLN D 39 11.96 -30.32 34.30
C GLN D 39 11.88 -31.56 35.16
N ALA D 40 12.91 -32.40 35.12
CA ALA D 40 12.99 -33.59 35.94
C ALA D 40 13.07 -33.20 37.42
N PRO D 41 12.88 -34.15 38.35
CA PRO D 41 12.98 -33.79 39.78
C PRO D 41 14.23 -33.01 40.18
N GLU D 42 15.43 -33.44 39.77
CA GLU D 42 16.64 -32.68 40.09
C GLU D 42 17.61 -32.63 38.91
N LYS D 43 17.13 -32.70 37.67
CA LYS D 43 18.01 -32.87 36.52
C LYS D 43 17.87 -31.73 35.50
N GLY D 44 17.40 -30.57 35.93
CA GLY D 44 17.43 -29.38 35.08
C GLY D 44 16.39 -29.40 33.97
N LEU D 45 16.36 -28.28 33.24
CA LEU D 45 15.34 -28.02 32.22
C LEU D 45 15.55 -28.90 30.99
N GLU D 46 14.49 -28.99 30.18
CA GLU D 46 14.51 -29.78 28.96
C GLU D 46 13.32 -29.38 28.09
N TRP D 47 13.59 -29.04 26.83
CA TRP D 47 12.55 -28.62 25.91
C TRP D 47 11.65 -29.79 25.54
N VAL D 48 10.38 -29.50 25.24
CA VAL D 48 9.37 -30.51 24.96
C VAL D 48 8.68 -30.27 23.62
N ALA D 49 8.11 -29.09 23.42
CA ALA D 49 7.32 -28.82 22.22
C ALA D 49 7.15 -27.33 22.01
N TYR D 50 6.92 -26.95 20.75
CA TYR D 50 6.70 -25.57 20.36
C TYR D 50 5.57 -25.49 19.34
N ILE D 51 4.68 -24.52 19.51
CA ILE D 51 3.60 -24.25 18.57
C ILE D 51 3.64 -22.77 18.20
N SER D 52 3.34 -22.47 16.94
CA SER D 52 3.61 -21.15 16.37
C SER D 52 2.55 -20.14 16.80
N SER D 53 2.57 -18.98 16.15
CA SER D 53 1.69 -17.88 16.56
C SER D 53 0.27 -18.08 16.04
N GLY D 54 0.13 -18.66 14.86
CA GLY D 54 -1.17 -19.08 14.39
C GLY D 54 -1.39 -20.54 14.73
N SER D 55 -1.41 -21.40 13.73
CA SER D 55 -1.35 -22.84 13.98
C SER D 55 -0.45 -23.50 12.95
N GLY D 56 0.69 -22.88 12.67
CA GLY D 56 1.54 -23.31 11.59
C GLY D 56 2.63 -24.26 12.04
N THR D 57 3.88 -23.79 12.03
CA THR D 57 5.01 -24.64 12.38
C THR D 57 4.88 -25.17 13.80
N ILE D 58 5.02 -26.48 13.95
CA ILE D 58 4.95 -27.16 15.23
C ILE D 58 6.16 -28.09 15.32
N TYR D 59 6.79 -28.14 16.49
CA TYR D 59 7.99 -28.94 16.68
C TYR D 59 7.90 -29.69 17.99
N TYR D 60 8.54 -30.86 18.03
CA TYR D 60 8.59 -31.68 19.23
C TYR D 60 10.02 -32.12 19.48
N ALA D 61 10.31 -32.46 20.73
CA ALA D 61 11.59 -33.08 21.04
C ALA D 61 11.61 -34.50 20.50
N ASP D 62 12.82 -34.98 20.20
CA ASP D 62 12.97 -36.29 19.56
C ASP D 62 12.59 -37.44 20.48
N THR D 63 12.37 -37.20 21.77
CA THR D 63 11.95 -38.24 22.70
C THR D 63 10.46 -38.23 23.01
N VAL D 64 9.71 -37.27 22.45
CA VAL D 64 8.28 -37.20 22.70
C VAL D 64 7.52 -37.08 21.38
N LYS D 65 8.21 -37.28 20.26
CA LYS D 65 7.55 -37.19 18.96
C LYS D 65 6.67 -38.41 18.72
N GLY D 66 5.44 -38.17 18.30
CA GLY D 66 4.47 -39.23 18.05
C GLY D 66 3.56 -39.51 19.21
N ARG D 67 4.10 -39.45 20.43
CA ARG D 67 3.27 -39.65 21.61
C ARG D 67 2.48 -38.39 21.95
N PHE D 68 3.18 -37.27 22.13
CA PHE D 68 2.55 -36.04 22.59
C PHE D 68 1.95 -35.30 21.40
N THR D 69 1.11 -34.30 21.71
CA THR D 69 0.52 -33.46 20.67
C THR D 69 0.13 -32.13 21.29
N ILE D 70 0.72 -31.06 20.80
CA ILE D 70 0.46 -29.72 21.32
C ILE D 70 -0.64 -29.08 20.48
N SER D 71 -1.47 -28.26 21.11
CA SER D 71 -2.52 -27.54 20.40
C SER D 71 -2.83 -26.28 21.19
N ARG D 72 -3.44 -25.31 20.50
CA ARG D 72 -3.82 -24.06 21.13
C ARG D 72 -5.23 -23.68 20.72
N ASP D 73 -5.92 -22.99 21.62
CA ASP D 73 -7.27 -22.50 21.38
C ASP D 73 -7.27 -21.01 21.70
N ASP D 74 -7.37 -20.18 20.67
CA ASP D 74 -7.23 -18.74 20.76
C ASP D 74 -8.43 -18.02 21.39
N PRO D 75 -9.69 -18.32 21.04
CA PRO D 75 -10.80 -17.58 21.67
C PRO D 75 -10.96 -17.85 23.15
N LYS D 76 -10.51 -18.99 23.66
CA LYS D 76 -10.54 -19.27 25.08
C LYS D 76 -9.21 -18.96 25.78
N ASN D 77 -8.19 -18.59 25.02
CA ASN D 77 -6.85 -18.29 25.54
C ASN D 77 -6.28 -19.47 26.32
N THR D 78 -6.20 -20.62 25.66
CA THR D 78 -5.73 -21.84 26.31
C THR D 78 -4.74 -22.56 25.41
N LEU D 79 -3.90 -23.38 26.04
CA LEU D 79 -2.91 -24.20 25.36
C LEU D 79 -2.92 -25.59 25.98
N PHE D 80 -3.05 -26.62 25.15
CA PHE D 80 -3.19 -27.99 25.63
C PHE D 80 -2.04 -28.85 25.12
N LEU D 81 -1.63 -29.80 25.97
CA LEU D 81 -0.67 -30.83 25.60
C LEU D 81 -1.29 -32.19 25.86
N GLN D 82 -1.55 -32.94 24.80
CA GLN D 82 -2.14 -34.29 24.89
C GLN D 82 -1.00 -35.30 24.95
N MET D 83 -0.82 -35.92 26.10
CA MET D 83 0.26 -36.87 26.32
C MET D 83 -0.30 -38.29 26.29
N THR D 84 0.25 -39.12 25.41
CA THR D 84 -0.15 -40.52 25.30
C THR D 84 1.04 -41.41 25.61
N SER D 85 0.74 -42.59 26.17
CA SER D 85 1.73 -43.60 26.52
C SER D 85 2.77 -43.04 27.50
N LEU D 86 2.29 -42.69 28.69
CA LEU D 86 3.13 -42.08 29.72
C LEU D 86 4.15 -43.09 30.22
N ARG D 87 5.42 -42.85 29.92
CA ARG D 87 6.51 -43.70 30.38
C ARG D 87 6.95 -43.27 31.77
N SER D 88 7.86 -44.05 32.38
CA SER D 88 8.37 -43.72 33.70
C SER D 88 9.33 -42.53 33.66
N GLU D 89 9.91 -42.23 32.50
CA GLU D 89 10.83 -41.12 32.34
C GLU D 89 10.12 -39.81 31.99
N ASP D 90 8.82 -39.72 32.24
CA ASP D 90 8.05 -38.53 31.95
C ASP D 90 7.60 -37.77 33.19
N THR D 91 7.87 -38.30 34.38
CA THR D 91 7.57 -37.58 35.61
C THR D 91 8.40 -36.30 35.69
N ALA D 92 7.71 -35.16 35.77
CA ALA D 92 8.38 -33.87 35.63
C ALA D 92 7.42 -32.76 36.05
N MET D 93 7.98 -31.56 36.15
CA MET D 93 7.20 -30.34 36.33
C MET D 93 7.20 -29.58 35.00
N TYR D 94 6.00 -29.26 34.51
CA TYR D 94 5.83 -28.71 33.17
C TYR D 94 5.50 -27.23 33.26
N TYR D 95 6.21 -26.42 32.48
CA TYR D 95 6.01 -24.97 32.40
C TYR D 95 5.60 -24.58 30.99
N CYS D 96 4.76 -23.56 30.89
CA CYS D 96 4.54 -22.88 29.63
C CYS D 96 5.53 -21.74 29.50
N VAL D 97 5.82 -21.36 28.25
CA VAL D 97 6.70 -20.22 27.96
C VAL D 97 6.14 -19.50 26.76
N ARG D 98 5.89 -18.20 26.90
CA ARG D 98 5.52 -17.39 25.75
C ARG D 98 6.78 -16.91 25.05
N SER D 99 6.66 -16.66 23.74
CA SER D 99 7.77 -16.14 22.97
C SER D 99 7.23 -15.54 21.69
N ILE D 100 7.62 -14.29 21.40
CA ILE D 100 7.17 -13.58 20.22
C ILE D 100 8.39 -13.25 19.38
N TYR D 101 8.27 -13.41 18.06
CA TYR D 101 9.40 -13.34 17.15
C TYR D 101 9.17 -12.23 16.11
N TYR D 102 9.93 -11.15 16.23
CA TYR D 102 10.08 -10.16 15.17
C TYR D 102 11.49 -9.60 15.29
N TYR D 103 11.76 -8.49 14.62
CA TYR D 103 13.08 -7.88 14.70
C TYR D 103 13.24 -7.16 16.03
N GLY D 104 14.15 -7.66 16.86
CA GLY D 104 14.48 -7.01 18.11
C GLY D 104 13.62 -7.42 19.29
N SER D 105 12.87 -8.52 19.18
CA SER D 105 12.05 -8.98 20.29
C SER D 105 12.92 -9.72 21.30
N SER D 106 12.30 -10.16 22.38
CA SER D 106 12.98 -10.89 23.46
C SER D 106 12.21 -12.17 23.76
N PRO D 107 12.35 -13.20 22.94
CA PRO D 107 11.59 -14.44 23.17
C PRO D 107 11.95 -15.10 24.49
N PHE D 108 11.09 -16.05 24.88
CA PHE D 108 11.14 -16.71 26.19
C PHE D 108 10.93 -15.70 27.31
N ASP D 109 9.98 -14.79 27.09
CA ASP D 109 9.67 -13.69 28.01
C ASP D 109 9.27 -14.17 29.40
N PHE D 110 8.14 -14.86 29.49
CA PHE D 110 7.45 -15.11 30.75
C PHE D 110 7.18 -16.60 30.88
N TRP D 111 7.76 -17.20 31.90
CA TRP D 111 7.50 -18.60 32.24
C TRP D 111 6.32 -18.67 33.19
N GLY D 112 5.53 -19.74 33.06
CA GLY D 112 4.36 -19.91 33.89
C GLY D 112 4.70 -20.39 35.28
N GLN D 113 3.91 -21.30 35.83
CA GLN D 113 4.18 -21.85 37.15
C GLN D 113 4.38 -23.36 37.16
N GLY D 114 3.76 -24.07 36.23
CA GLY D 114 4.10 -25.47 36.09
C GLY D 114 3.18 -26.38 36.90
N THR D 115 2.95 -27.57 36.35
CA THR D 115 2.25 -28.63 37.05
C THR D 115 3.20 -29.80 37.30
N THR D 116 3.08 -30.42 38.45
CA THR D 116 3.82 -31.63 38.75
C THR D 116 3.04 -32.84 38.25
N LEU D 117 3.74 -33.74 37.58
CA LEU D 117 3.13 -34.93 37.00
C LEU D 117 4.06 -36.10 37.28
N THR D 118 3.64 -36.98 38.18
CA THR D 118 4.44 -38.13 38.56
C THR D 118 3.71 -39.41 38.17
N VAL D 119 4.48 -40.37 37.64
CA VAL D 119 3.96 -41.68 37.28
C VAL D 119 4.61 -42.72 38.19
N SER D 120 3.89 -43.80 38.42
CA SER D 120 4.39 -44.84 39.31
C SER D 120 5.48 -45.66 38.64
N SER D 121 6.06 -46.57 39.41
CA SER D 121 7.15 -47.41 38.91
C SER D 121 7.24 -48.71 39.71
N SER D 136 22.78 -31.40 14.15
CA SER D 136 21.81 -32.41 14.53
C SER D 136 21.26 -32.15 15.93
N ASP D 137 22.13 -32.23 16.93
CA ASP D 137 21.75 -32.00 18.32
C ASP D 137 22.91 -31.28 18.99
N ILE D 138 22.77 -29.96 19.15
CA ILE D 138 23.83 -29.15 19.72
C ILE D 138 23.97 -29.47 21.20
N VAL D 139 25.19 -29.73 21.64
CA VAL D 139 25.49 -30.15 23.01
C VAL D 139 26.13 -28.98 23.73
N MET D 140 25.52 -28.54 24.82
CA MET D 140 25.99 -27.40 25.60
C MET D 140 26.34 -27.84 27.01
N THR D 141 27.54 -27.49 27.46
CA THR D 141 28.03 -27.88 28.76
C THR D 141 28.28 -26.65 29.62
N GLN D 142 28.05 -26.79 30.92
CA GLN D 142 28.29 -25.73 31.88
C GLN D 142 29.61 -25.96 32.61
N ALA D 143 30.10 -24.90 33.26
CA ALA D 143 31.42 -24.96 33.88
C ALA D 143 31.42 -25.86 35.11
N THR D 144 30.64 -25.50 36.13
CA THR D 144 30.61 -26.26 37.37
C THR D 144 29.18 -26.63 37.74
N SER D 145 29.01 -27.20 38.94
CA SER D 145 27.69 -27.49 39.47
C SER D 145 27.35 -26.72 40.74
N SER D 146 28.33 -26.09 41.37
CA SER D 146 28.09 -25.30 42.58
C SER D 146 29.34 -24.44 42.84
N VAL D 147 29.13 -23.15 43.09
CA VAL D 147 30.22 -22.25 43.44
C VAL D 147 29.88 -21.51 44.72
N PRO D 148 30.84 -21.30 45.63
CA PRO D 148 30.58 -20.49 46.83
C PRO D 148 30.85 -19.02 46.59
N VAL D 149 29.96 -18.15 47.06
CA VAL D 149 30.04 -16.72 46.78
C VAL D 149 29.68 -15.93 48.04
N THR D 150 29.99 -14.64 48.01
CA THR D 150 29.72 -13.70 49.08
C THR D 150 29.01 -12.48 48.51
N PRO D 151 28.05 -11.90 49.25
CA PRO D 151 27.32 -10.73 48.72
C PRO D 151 28.19 -9.49 48.68
N GLY D 152 28.58 -9.07 47.48
CA GLY D 152 29.46 -7.95 47.30
C GLY D 152 30.60 -8.25 46.34
N GLU D 153 30.62 -9.48 45.84
CA GLU D 153 31.68 -9.97 44.97
C GLU D 153 31.16 -10.07 43.54
N SER D 154 32.03 -9.74 42.58
CA SER D 154 31.72 -9.88 41.17
C SER D 154 32.09 -11.29 40.72
N VAL D 155 31.12 -12.01 40.18
CA VAL D 155 31.29 -13.43 39.86
C VAL D 155 31.12 -13.64 38.36
N SER D 156 31.44 -14.85 37.92
CA SER D 156 31.36 -15.19 36.50
C SER D 156 30.84 -16.61 36.35
N ILE D 157 30.12 -16.84 35.26
CA ILE D 157 29.56 -18.15 34.92
C ILE D 157 29.86 -18.41 33.45
N SER D 158 30.42 -19.59 33.16
CA SER D 158 30.85 -19.93 31.81
C SER D 158 29.96 -21.01 31.23
N CYS D 159 29.65 -20.88 29.93
CA CYS D 159 28.84 -21.85 29.21
C CYS D 159 29.47 -22.05 27.85
N ARG D 160 29.89 -23.27 27.56
CA ARG D 160 30.59 -23.60 26.32
C ARG D 160 29.67 -24.41 25.42
N SER D 161 29.52 -23.96 24.18
CA SER D 161 28.72 -24.67 23.20
C SER D 161 29.57 -25.71 22.49
N SER D 162 29.03 -26.30 21.43
CA SER D 162 29.78 -27.20 20.56
C SER D 162 29.72 -26.81 19.10
N LYS D 163 28.68 -26.12 18.65
CA LYS D 163 28.60 -25.56 17.32
C LYS D 163 28.62 -24.03 17.44
N SER D 164 29.19 -23.37 16.45
CA SER D 164 29.31 -21.91 16.48
C SER D 164 27.93 -21.28 16.33
N LEU D 165 27.46 -20.63 17.40
CA LEU D 165 26.13 -20.04 17.40
C LEU D 165 26.07 -18.71 16.68
N LEU D 166 27.21 -18.15 16.29
CA LEU D 166 27.25 -16.86 15.60
C LEU D 166 26.77 -17.05 14.18
N HIS D 167 25.49 -16.77 13.95
CA HIS D 167 24.91 -16.88 12.62
C HIS D 167 25.54 -15.85 11.67
N SER D 168 25.28 -16.01 10.38
CA SER D 168 25.91 -15.18 9.37
C SER D 168 25.44 -13.73 9.42
N ASN D 169 24.26 -13.46 9.99
CA ASN D 169 23.77 -12.09 10.10
C ASN D 169 24.31 -11.36 11.32
N GLY D 170 25.10 -12.02 12.17
CA GLY D 170 25.91 -11.33 13.16
C GLY D 170 25.50 -11.53 14.61
N ASN D 171 24.35 -12.11 14.89
CA ASN D 171 23.83 -12.20 16.26
C ASN D 171 23.85 -13.65 16.75
N THR D 172 24.61 -13.89 17.81
CA THR D 172 24.60 -15.19 18.47
C THR D 172 23.27 -15.39 19.18
N TYR D 173 22.84 -16.65 19.27
CA TYR D 173 21.50 -16.99 19.73
C TYR D 173 21.55 -17.75 21.05
N LEU D 174 22.38 -17.31 21.97
CA LEU D 174 22.49 -17.94 23.28
C LEU D 174 21.79 -17.08 24.32
N TYR D 175 20.97 -17.73 25.14
CA TYR D 175 20.17 -17.07 26.18
C TYR D 175 20.68 -17.48 27.55
N TRP D 176 20.27 -16.71 28.56
CA TRP D 176 20.59 -17.00 29.95
C TRP D 176 19.33 -16.81 30.78
N PHE D 177 18.97 -17.85 31.54
CA PHE D 177 17.86 -17.81 32.49
C PHE D 177 18.37 -18.09 33.90
N LEU D 178 17.62 -17.62 34.89
CA LEU D 178 17.94 -17.85 36.30
C LEU D 178 16.71 -18.40 37.00
N GLN D 179 16.89 -19.48 37.76
CA GLN D 179 15.83 -20.10 38.54
C GLN D 179 16.18 -19.99 40.01
N ARG D 180 15.38 -19.25 40.76
CA ARG D 180 15.54 -19.10 42.19
C ARG D 180 15.00 -20.33 42.91
N PRO D 181 15.47 -20.60 44.13
CA PRO D 181 14.99 -21.80 44.86
C PRO D 181 13.51 -21.71 45.18
N GLY D 182 12.73 -22.60 44.58
CA GLY D 182 11.31 -22.66 44.83
C GLY D 182 10.46 -21.76 43.95
N GLN D 183 10.93 -21.45 42.75
CA GLN D 183 10.20 -20.56 41.85
C GLN D 183 10.38 -21.06 40.42
N SER D 184 9.85 -20.28 39.48
CA SER D 184 9.93 -20.50 38.05
C SER D 184 11.04 -19.64 37.44
N PRO D 185 11.80 -20.18 36.50
CA PRO D 185 12.90 -19.42 35.91
C PRO D 185 12.41 -18.21 35.14
N GLN D 186 13.25 -17.18 35.08
CA GLN D 186 12.93 -15.94 34.40
C GLN D 186 14.01 -15.64 33.37
N LEU D 187 13.64 -14.93 32.32
CA LEU D 187 14.60 -14.53 31.31
C LEU D 187 15.56 -13.51 31.89
N LEU D 188 16.85 -13.71 31.68
CA LEU D 188 17.88 -12.82 32.19
C LEU D 188 18.64 -12.12 31.09
N ILE D 189 19.04 -12.83 30.04
CA ILE D 189 19.81 -12.24 28.94
C ILE D 189 19.41 -12.95 27.65
N TYR D 190 19.09 -12.20 26.61
CA TYR D 190 18.75 -12.79 25.32
C TYR D 190 19.75 -12.35 24.26
N ARG D 191 20.22 -13.33 23.47
CA ARG D 191 21.20 -13.14 22.39
C ARG D 191 22.53 -12.61 22.90
N MET D 192 22.92 -13.07 24.10
CA MET D 192 24.27 -13.02 24.63
C MET D 192 24.73 -11.62 25.04
N SER D 193 24.00 -10.59 24.64
CA SER D 193 24.38 -9.25 25.04
C SER D 193 23.22 -8.44 25.58
N ASN D 194 22.02 -8.62 25.02
CA ASN D 194 20.89 -7.78 25.35
C ASN D 194 20.32 -8.16 26.72
N LEU D 195 20.04 -7.15 27.53
CA LEU D 195 19.45 -7.37 28.84
C LEU D 195 17.93 -7.39 28.74
N ALA D 196 17.31 -8.23 29.55
CA ALA D 196 15.87 -8.34 29.54
C ALA D 196 15.24 -7.22 30.37
N SER D 197 13.94 -7.03 30.18
CA SER D 197 13.22 -5.97 30.88
C SER D 197 13.07 -6.30 32.36
N GLY D 198 13.11 -5.25 33.19
CA GLY D 198 12.98 -5.43 34.61
C GLY D 198 14.17 -6.04 35.30
N VAL D 199 15.29 -6.19 34.61
CA VAL D 199 16.50 -6.79 35.16
C VAL D 199 17.44 -5.67 35.58
N PRO D 200 17.96 -5.68 36.81
CA PRO D 200 18.88 -4.61 37.23
C PRO D 200 20.20 -4.69 36.50
N ASP D 201 20.85 -3.53 36.36
CA ASP D 201 22.09 -3.40 35.59
C ASP D 201 23.26 -3.95 36.40
N ARG D 202 23.24 -5.27 36.59
CA ARG D 202 24.35 -5.99 37.19
C ARG D 202 24.79 -7.20 36.40
N PHE D 203 23.93 -7.76 35.55
CA PHE D 203 24.25 -8.94 34.74
C PHE D 203 24.70 -8.49 33.37
N SER D 204 25.86 -8.99 32.93
CA SER D 204 26.39 -8.70 31.62
C SER D 204 26.72 -9.99 30.90
N GLY D 205 26.62 -9.98 29.58
CA GLY D 205 26.95 -11.12 28.76
C GLY D 205 28.11 -10.80 27.84
N SER D 206 28.96 -11.79 27.60
CA SER D 206 30.18 -11.58 26.85
C SER D 206 30.51 -12.86 26.08
N GLY D 207 31.74 -12.95 25.59
CA GLY D 207 32.17 -14.08 24.81
C GLY D 207 31.67 -14.01 23.38
N SER D 208 32.21 -14.92 22.56
CA SER D 208 31.87 -14.95 21.14
C SER D 208 32.24 -16.32 20.59
N GLY D 209 31.40 -16.83 19.69
CA GLY D 209 31.69 -18.08 19.02
C GLY D 209 31.17 -19.31 19.75
N THR D 210 32.05 -19.99 20.48
CA THR D 210 31.70 -21.20 21.22
C THR D 210 32.17 -21.12 22.67
N ALA D 211 32.18 -19.92 23.24
CA ALA D 211 32.61 -19.75 24.63
C ALA D 211 31.92 -18.51 25.18
N PHE D 212 30.90 -18.72 26.00
CA PHE D 212 30.05 -17.63 26.47
C PHE D 212 30.19 -17.46 27.97
N THR D 213 29.93 -16.23 28.43
CA THR D 213 30.18 -15.87 29.82
C THR D 213 29.12 -14.87 30.29
N LEU D 214 28.62 -15.09 31.49
CA LEU D 214 27.74 -14.15 32.18
C LEU D 214 28.44 -13.66 33.43
N THR D 215 28.69 -12.36 33.50
CA THR D 215 29.37 -11.74 34.63
C THR D 215 28.38 -10.97 35.47
N ILE D 216 28.49 -11.13 36.79
CA ILE D 216 27.62 -10.44 37.74
C ILE D 216 28.47 -9.50 38.57
N SER D 217 27.92 -8.32 38.87
CA SER D 217 28.52 -7.36 39.80
C SER D 217 28.21 -7.81 41.22
N ARG D 218 28.37 -6.90 42.19
CA ARG D 218 28.08 -7.20 43.59
C ARG D 218 26.68 -7.79 43.74
N LEU D 219 26.62 -9.00 44.29
CA LEU D 219 25.39 -9.77 44.30
C LEU D 219 24.62 -9.55 45.60
N GLU D 220 23.37 -10.01 45.60
CA GLU D 220 22.48 -9.81 46.73
C GLU D 220 21.90 -11.15 47.18
N ALA D 221 20.91 -11.11 48.07
CA ALA D 221 20.23 -12.32 48.52
C ALA D 221 19.23 -12.83 47.51
N GLU D 222 18.93 -12.06 46.47
CA GLU D 222 18.01 -12.47 45.41
C GLU D 222 18.74 -12.95 44.16
N ASP D 223 20.06 -13.11 44.23
CA ASP D 223 20.85 -13.59 43.10
C ASP D 223 21.25 -15.06 43.26
N VAL D 224 20.83 -15.71 44.34
CA VAL D 224 21.18 -17.10 44.56
C VAL D 224 20.19 -18.00 43.83
N GLY D 225 20.71 -18.94 43.05
CA GLY D 225 19.86 -19.82 42.27
C GLY D 225 20.69 -20.65 41.33
N VAL D 226 20.03 -21.18 40.29
CA VAL D 226 20.67 -21.99 39.28
C VAL D 226 20.55 -21.27 37.94
N TYR D 227 21.66 -21.18 37.21
CA TYR D 227 21.73 -20.42 35.97
C TYR D 227 21.82 -21.38 34.78
N TYR D 228 20.95 -21.21 33.80
CA TYR D 228 20.88 -22.07 32.64
C TYR D 228 21.18 -21.27 31.38
N CYS D 229 21.85 -21.91 30.42
CA CYS D 229 22.16 -21.30 29.13
C CYS D 229 21.50 -22.11 28.03
N MET D 230 20.68 -21.46 27.23
CA MET D 230 19.97 -22.08 26.12
C MET D 230 20.64 -21.71 24.81
N GLN D 231 20.14 -22.28 23.72
CA GLN D 231 20.49 -21.87 22.37
C GLN D 231 19.21 -21.81 21.55
N HIS D 232 19.24 -21.05 20.46
CA HIS D 232 18.03 -20.95 19.65
C HIS D 232 18.35 -20.97 18.15
N LEU D 233 19.48 -21.55 17.75
CA LEU D 233 19.78 -21.72 16.33
C LEU D 233 18.74 -22.61 15.67
N GLU D 234 18.61 -23.83 16.15
CA GLU D 234 17.78 -24.84 15.51
C GLU D 234 17.12 -25.71 16.56
N TYR D 235 15.92 -26.16 16.24
CA TYR D 235 15.18 -27.03 17.15
C TYR D 235 15.73 -28.46 17.03
N PRO D 236 15.89 -29.19 18.13
CA PRO D 236 15.49 -28.89 19.51
C PRO D 236 16.42 -27.93 20.27
N LEU D 237 15.82 -26.97 20.94
CA LEU D 237 16.56 -26.04 21.80
C LEU D 237 17.09 -26.76 23.01
N THR D 238 18.41 -26.78 23.17
CA THR D 238 19.09 -27.62 24.15
C THR D 238 19.59 -26.76 25.30
N PHE D 239 19.01 -26.93 26.48
CA PHE D 239 19.45 -26.22 27.66
C PHE D 239 20.78 -26.79 28.16
N GLY D 240 21.25 -26.24 29.29
CA GLY D 240 22.48 -26.68 29.90
C GLY D 240 22.24 -27.44 31.19
N ALA D 241 23.34 -27.73 31.88
CA ALA D 241 23.28 -28.51 33.11
C ALA D 241 23.06 -27.66 34.35
N GLY D 242 23.29 -26.35 34.26
CA GLY D 242 23.03 -25.46 35.37
C GLY D 242 24.17 -25.33 36.37
N THR D 243 24.40 -24.11 36.85
CA THR D 243 25.40 -23.82 37.86
C THR D 243 24.72 -23.21 39.07
N LYS D 244 24.93 -23.80 40.24
CA LYS D 244 24.24 -23.39 41.45
C LYS D 244 25.03 -22.31 42.18
N LEU D 245 24.37 -21.20 42.48
CA LEU D 245 24.96 -20.08 43.21
C LEU D 245 24.46 -20.14 44.65
N GLU D 246 25.26 -20.73 45.52
CA GLU D 246 24.95 -20.84 46.94
C GLU D 246 25.85 -19.90 47.74
N LEU D 247 25.31 -19.39 48.83
CA LEU D 247 26.05 -18.45 49.68
C LEU D 247 27.19 -19.15 50.41
N ASN E 12 2.05 -45.56 -43.14
CA ASN E 12 1.79 -46.33 -44.34
C ASN E 12 0.41 -46.98 -44.32
N LYS E 13 -0.57 -46.28 -43.75
CA LYS E 13 -1.95 -46.73 -43.71
C LYS E 13 -2.96 -45.69 -44.15
N VAL E 14 -2.60 -44.41 -44.18
CA VAL E 14 -3.60 -43.35 -44.34
C VAL E 14 -3.80 -42.92 -45.79
N GLN E 15 -2.88 -43.26 -46.70
CA GLN E 15 -3.02 -42.86 -48.09
C GLN E 15 -4.24 -43.50 -48.75
N GLU E 16 -4.39 -44.82 -48.62
CA GLU E 16 -5.58 -45.48 -49.17
C GLU E 16 -6.84 -45.04 -48.46
N HIS E 17 -6.73 -44.68 -47.17
CA HIS E 17 -7.89 -44.19 -46.44
C HIS E 17 -8.30 -42.80 -46.92
N TYR E 18 -7.36 -42.02 -47.44
CA TYR E 18 -7.69 -40.76 -48.08
C TYR E 18 -8.27 -40.96 -49.46
N ASN E 19 -7.67 -41.85 -50.26
CA ASN E 19 -8.18 -42.09 -51.60
C ASN E 19 -9.54 -42.79 -51.57
N TYR E 20 -9.90 -43.36 -50.43
CA TYR E 20 -11.24 -43.93 -50.27
C TYR E 20 -12.31 -42.85 -50.32
N THR E 21 -12.05 -41.71 -49.68
CA THR E 21 -12.96 -40.56 -49.76
C THR E 21 -12.24 -39.31 -50.25
N LYS E 22 -11.46 -39.43 -51.32
CA LYS E 22 -10.76 -38.28 -51.88
C LYS E 22 -11.74 -37.31 -52.55
N THR E 31 -5.38 -29.13 -57.63
CA THR E 31 -4.27 -28.69 -58.46
C THR E 31 -4.10 -27.17 -58.41
N SER E 32 -5.18 -26.48 -58.06
CA SER E 32 -5.18 -25.02 -57.98
C SER E 32 -5.37 -24.52 -56.55
N ARG E 33 -4.79 -25.22 -55.58
CA ARG E 33 -4.90 -24.86 -54.16
C ARG E 33 -3.68 -24.14 -53.64
N GLN E 34 -2.47 -24.56 -54.04
CA GLN E 34 -1.26 -23.89 -53.60
C GLN E 34 -1.11 -22.50 -54.18
N VAL E 35 -1.78 -22.21 -55.30
CA VAL E 35 -1.73 -20.86 -55.86
C VAL E 35 -2.58 -19.88 -55.07
N ALA E 36 -3.45 -20.38 -54.19
CA ALA E 36 -4.27 -19.53 -53.33
C ALA E 36 -3.94 -19.67 -51.86
N SER E 37 -3.18 -20.70 -51.48
CA SER E 37 -2.90 -20.92 -50.06
C SER E 37 -1.93 -19.88 -49.49
N ALA E 38 -1.12 -19.26 -50.35
CA ALA E 38 -0.19 -18.23 -49.86
C ALA E 38 -0.94 -17.04 -49.27
N PHE E 39 -2.13 -16.75 -49.78
CA PHE E 39 -2.95 -15.68 -49.23
C PHE E 39 -3.30 -15.95 -47.78
N ILE E 40 -3.75 -17.17 -47.47
CA ILE E 40 -4.08 -17.47 -46.08
C ILE E 40 -2.84 -17.66 -45.22
N VAL E 41 -1.70 -18.05 -45.80
CA VAL E 41 -0.46 -18.10 -45.01
C VAL E 41 -0.03 -16.70 -44.58
N ILE E 42 -0.05 -15.74 -45.51
CA ILE E 42 0.29 -14.39 -45.10
C ILE E 42 -0.82 -13.77 -44.24
N LEU E 43 -2.05 -14.26 -44.36
CA LEU E 43 -3.10 -13.85 -43.45
C LEU E 43 -2.79 -14.28 -42.02
N CYS E 44 -2.39 -15.53 -41.83
CA CYS E 44 -1.98 -15.99 -40.50
C CYS E 44 -0.71 -15.31 -40.03
N CYS E 45 0.15 -14.87 -40.95
CA CYS E 45 1.31 -14.07 -40.56
C CYS E 45 0.87 -12.73 -40.00
N ALA E 46 -0.10 -12.08 -40.66
CA ALA E 46 -0.66 -10.84 -40.11
C ALA E 46 -1.33 -11.09 -38.76
N ILE E 47 -2.00 -12.25 -38.63
CA ILE E 47 -2.63 -12.63 -37.37
C ILE E 47 -1.59 -12.71 -36.26
N VAL E 48 -0.50 -13.42 -36.51
CA VAL E 48 0.47 -13.65 -35.44
C VAL E 48 1.25 -12.38 -35.11
N VAL E 49 1.49 -11.50 -36.09
CA VAL E 49 2.17 -10.25 -35.74
C VAL E 49 1.23 -9.30 -35.01
N GLU E 50 -0.06 -9.27 -35.37
CA GLU E 50 -1.01 -8.45 -34.63
C GLU E 50 -1.15 -8.93 -33.20
N ASN E 51 -1.25 -10.25 -33.00
CA ASN E 51 -1.40 -10.76 -31.65
C ASN E 51 -0.11 -10.65 -30.85
N LEU E 52 1.05 -10.64 -31.53
CA LEU E 52 2.30 -10.36 -30.82
C LEU E 52 2.34 -8.93 -30.33
N LEU E 53 1.91 -7.97 -31.16
CA LEU E 53 1.81 -6.59 -30.71
C LEU E 53 0.82 -6.45 -29.55
N VAL E 54 -0.31 -7.16 -29.61
CA VAL E 54 -1.28 -7.07 -28.53
C VAL E 54 -0.74 -7.71 -27.26
N LEU E 55 0.02 -8.80 -27.39
CA LEU E 55 0.60 -9.45 -26.22
C LEU E 55 1.66 -8.57 -25.56
N ILE E 56 2.50 -7.91 -26.36
CA ILE E 56 3.52 -7.07 -25.75
C ILE E 56 2.91 -5.78 -25.21
N ALA E 57 1.79 -5.32 -25.79
CA ALA E 57 1.12 -4.16 -25.22
C ALA E 57 0.40 -4.50 -23.92
N VAL E 58 -0.08 -5.74 -23.79
CA VAL E 58 -0.62 -6.18 -22.51
C VAL E 58 0.50 -6.35 -21.48
N ALA E 59 1.65 -6.83 -21.93
CA ALA E 59 2.79 -7.01 -21.02
C ALA E 59 3.31 -5.66 -20.52
N ARG E 60 3.36 -4.65 -21.38
CA ARG E 60 3.92 -3.37 -21.00
C ARG E 60 2.92 -2.43 -20.34
N ASN E 61 1.62 -2.65 -20.51
CA ASN E 61 0.58 -1.83 -19.90
C ASN E 61 -0.36 -2.67 -19.03
N SER E 62 0.22 -3.54 -18.20
CA SER E 62 -0.58 -4.31 -17.25
C SER E 62 -0.70 -3.61 -15.90
N LYS E 63 0.36 -2.91 -15.48
CA LYS E 63 0.36 -2.20 -14.20
C LYS E 63 -0.38 -0.87 -14.26
N PHE E 64 -0.96 -0.51 -15.40
CA PHE E 64 -1.67 0.76 -15.56
C PHE E 64 -3.16 0.58 -15.82
N HIS E 65 -3.69 -0.63 -15.68
CA HIS E 65 -5.08 -0.88 -16.04
C HIS E 65 -5.64 -1.97 -15.14
N SER E 66 -6.83 -2.45 -15.47
CA SER E 66 -7.56 -3.41 -14.64
C SER E 66 -7.06 -4.83 -14.92
N ALA E 67 -7.81 -5.82 -14.42
CA ALA E 67 -7.47 -7.22 -14.58
C ALA E 67 -7.98 -7.81 -15.89
N MET E 68 -8.84 -7.08 -16.62
CA MET E 68 -9.34 -7.57 -17.91
C MET E 68 -8.21 -7.69 -18.92
N TYR E 69 -7.13 -6.92 -18.75
CA TYR E 69 -5.94 -7.11 -19.56
C TYR E 69 -5.41 -8.52 -19.45
N LEU E 70 -5.48 -9.10 -18.25
CA LEU E 70 -5.03 -10.48 -18.06
C LEU E 70 -5.94 -11.45 -18.81
N PHE E 71 -7.20 -11.06 -19.01
CA PHE E 71 -8.09 -11.86 -19.85
C PHE E 71 -7.89 -11.57 -21.32
N LEU E 72 -7.28 -10.43 -21.65
CA LEU E 72 -7.10 -10.06 -23.05
C LEU E 72 -5.86 -10.72 -23.64
N GLY E 73 -4.71 -10.52 -22.99
CA GLY E 73 -3.47 -11.12 -23.47
C GLY E 73 -3.55 -12.62 -23.57
N ASN E 74 -4.23 -13.25 -22.61
CA ASN E 74 -4.52 -14.69 -22.69
C ASN E 74 -5.15 -15.04 -24.01
N LEU E 75 -6.23 -14.34 -24.39
CA LEU E 75 -6.80 -14.46 -25.73
C LEU E 75 -5.71 -14.32 -26.78
N ALA E 76 -4.98 -13.20 -26.73
CA ALA E 76 -3.87 -12.96 -27.63
C ALA E 76 -2.92 -14.15 -27.65
N ALA E 77 -2.54 -14.63 -26.46
CA ALA E 77 -1.64 -15.77 -26.37
C ALA E 77 -2.22 -16.96 -27.11
N SER E 78 -3.47 -17.32 -26.78
CA SER E 78 -4.12 -18.41 -27.50
C SER E 78 -4.23 -18.06 -28.98
N ASP E 79 -4.64 -16.83 -29.28
CA ASP E 79 -4.76 -16.43 -30.68
C ASP E 79 -3.41 -16.43 -31.37
N LEU E 80 -2.33 -16.18 -30.61
CA LEU E 80 -0.98 -16.29 -31.16
C LEU E 80 -0.76 -17.67 -31.75
N LEU E 81 -1.09 -18.71 -30.96
CA LEU E 81 -0.96 -20.07 -31.47
C LEU E 81 -1.92 -20.31 -32.62
N ALA E 82 -3.10 -19.67 -32.56
CA ALA E 82 -4.07 -19.77 -33.65
C ALA E 82 -3.50 -19.30 -34.97
N GLY E 83 -2.48 -18.45 -34.94
CA GLY E 83 -1.72 -18.22 -36.15
C GLY E 83 -0.88 -19.44 -36.49
N VAL E 84 0.12 -19.70 -35.64
CA VAL E 84 1.28 -20.49 -36.08
C VAL E 84 0.88 -21.94 -36.34
N ALA E 85 0.03 -22.51 -35.48
CA ALA E 85 -0.43 -23.88 -35.68
C ALA E 85 -1.15 -24.01 -37.01
N PHE E 86 -2.00 -23.02 -37.36
CA PHE E 86 -2.69 -23.10 -38.63
C PHE E 86 -1.72 -22.97 -39.80
N VAL E 87 -0.63 -22.22 -39.61
CA VAL E 87 0.44 -22.20 -40.60
C VAL E 87 0.97 -23.62 -40.81
N ALA E 88 1.21 -24.34 -39.71
CA ALA E 88 1.70 -25.71 -39.79
C ALA E 88 0.66 -26.67 -40.36
N ASN E 89 -0.53 -26.17 -40.72
CA ASN E 89 -1.48 -26.99 -41.46
C ASN E 89 -1.49 -26.69 -42.95
N THR E 90 -1.15 -25.48 -43.36
CA THR E 90 -1.40 -25.10 -44.74
C THR E 90 -0.35 -25.65 -45.69
N LEU E 91 0.94 -25.43 -45.39
CA LEU E 91 2.01 -25.97 -46.23
C LEU E 91 2.02 -27.49 -46.26
N LEU E 92 1.43 -28.14 -45.25
CA LEU E 92 1.27 -29.58 -45.24
C LEU E 92 -0.03 -30.03 -45.90
N SER E 93 -0.59 -29.21 -46.79
CA SER E 93 -1.81 -29.59 -47.50
C SER E 93 -1.54 -30.50 -48.69
N GLY E 94 -0.31 -30.51 -49.21
CA GLY E 94 -0.02 -31.28 -50.40
C GLY E 94 0.11 -32.77 -50.10
N SER E 95 -0.18 -33.57 -51.13
CA SER E 95 -0.14 -35.03 -51.00
C SER E 95 1.27 -35.54 -50.74
N VAL E 96 2.30 -34.76 -51.08
CA VAL E 96 3.67 -35.14 -50.74
C VAL E 96 3.85 -35.16 -49.22
N THR E 97 3.11 -34.32 -48.50
CA THR E 97 3.13 -34.30 -47.05
C THR E 97 2.08 -35.20 -46.42
N LEU E 98 1.10 -35.67 -47.18
CA LEU E 98 0.04 -36.51 -46.64
C LEU E 98 0.44 -37.97 -46.50
N ARG E 99 1.67 -38.33 -46.86
CA ARG E 99 2.19 -39.69 -46.66
C ARG E 99 2.74 -39.87 -45.25
N LEU E 100 1.99 -39.40 -44.26
CA LEU E 100 2.49 -39.24 -42.91
C LEU E 100 1.99 -40.36 -42.00
N THR E 101 2.81 -40.69 -41.01
CA THR E 101 2.43 -41.66 -39.99
C THR E 101 1.13 -41.22 -39.30
N PRO E 102 0.20 -42.14 -39.05
CA PRO E 102 -1.12 -41.73 -38.51
C PRO E 102 -1.07 -40.97 -37.20
N VAL E 103 -0.14 -41.29 -36.29
CA VAL E 103 -0.11 -40.59 -35.02
C VAL E 103 0.38 -39.15 -35.20
N GLN E 104 1.27 -38.92 -36.16
CA GLN E 104 1.73 -37.55 -36.39
C GLN E 104 0.67 -36.73 -37.10
N TRP E 105 -0.13 -37.35 -37.97
CA TRP E 105 -1.29 -36.67 -38.52
C TRP E 105 -2.31 -36.35 -37.45
N PHE E 106 -2.55 -37.28 -36.52
CA PHE E 106 -3.42 -37.01 -35.39
C PHE E 106 -2.90 -35.85 -34.55
N ALA E 107 -1.58 -35.75 -34.41
CA ALA E 107 -0.99 -34.62 -33.70
C ALA E 107 -1.17 -33.31 -34.47
N ARG E 108 -1.06 -33.37 -35.80
CA ARG E 108 -1.30 -32.18 -36.63
C ARG E 108 -2.73 -31.67 -36.45
N GLU E 109 -3.70 -32.57 -36.57
CA GLU E 109 -5.11 -32.16 -36.41
C GLU E 109 -5.42 -31.74 -34.98
N GLY E 110 -4.81 -32.39 -33.99
CA GLY E 110 -5.02 -31.96 -32.62
C GLY E 110 -4.44 -30.58 -32.34
N SER E 111 -3.29 -30.27 -32.95
CA SER E 111 -2.73 -28.93 -32.82
C SER E 111 -3.57 -27.89 -33.53
N ALA E 112 -4.19 -28.26 -34.66
CA ALA E 112 -5.12 -27.35 -35.31
C ALA E 112 -6.38 -27.13 -34.49
N PHE E 113 -6.83 -28.16 -33.76
CA PHE E 113 -8.05 -28.09 -32.98
C PHE E 113 -7.87 -27.34 -31.66
N ILE E 114 -6.74 -27.55 -30.98
CA ILE E 114 -6.60 -27.10 -29.60
C ILE E 114 -6.50 -25.58 -29.53
N THR E 115 -5.81 -24.95 -30.48
CA THR E 115 -5.60 -23.51 -30.40
C THR E 115 -6.80 -22.71 -30.90
N LEU E 116 -7.79 -23.37 -31.49
CA LEU E 116 -9.06 -22.71 -31.77
C LEU E 116 -10.08 -22.97 -30.66
N SER E 117 -10.03 -24.16 -30.06
CA SER E 117 -10.86 -24.41 -28.89
C SER E 117 -10.46 -23.50 -27.73
N ALA E 118 -9.15 -23.29 -27.54
CA ALA E 118 -8.71 -22.39 -26.48
C ALA E 118 -9.09 -20.95 -26.77
N SER E 119 -9.13 -20.56 -28.04
CA SER E 119 -9.58 -19.21 -28.39
C SER E 119 -11.06 -19.03 -28.08
N VAL E 120 -11.89 -20.00 -28.48
CA VAL E 120 -13.32 -19.89 -28.23
C VAL E 120 -13.62 -19.91 -26.73
N PHE E 121 -12.87 -20.71 -25.97
CA PHE E 121 -13.08 -20.72 -24.53
C PHE E 121 -12.51 -19.49 -23.84
N SER E 122 -11.50 -18.84 -24.42
CA SER E 122 -11.07 -17.55 -23.88
C SER E 122 -12.12 -16.48 -24.13
N LEU E 123 -12.77 -16.52 -25.29
CA LEU E 123 -13.92 -15.64 -25.54
C LEU E 123 -15.01 -15.85 -24.50
N LEU E 124 -15.34 -17.12 -24.21
CA LEU E 124 -16.37 -17.39 -23.20
C LEU E 124 -15.91 -16.94 -21.81
N ALA E 125 -14.62 -17.06 -21.51
CA ALA E 125 -14.12 -16.61 -20.21
C ALA E 125 -14.23 -15.10 -20.07
N ILE E 126 -13.90 -14.36 -21.13
CA ILE E 126 -14.07 -12.90 -21.11
C ILE E 126 -15.53 -12.53 -20.92
N ALA E 127 -16.44 -13.23 -21.61
CA ALA E 127 -17.86 -12.91 -21.47
C ALA E 127 -18.35 -13.21 -20.05
N ILE E 128 -17.88 -14.31 -19.47
CA ILE E 128 -18.24 -14.66 -18.09
C ILE E 128 -17.75 -13.58 -17.12
N GLU E 129 -16.50 -13.15 -17.27
CA GLU E 129 -15.97 -12.15 -16.37
C GLU E 129 -16.64 -10.80 -16.55
N ARG E 130 -17.01 -10.45 -17.79
CA ARG E 130 -17.71 -9.18 -18.02
C ARG E 130 -19.08 -9.19 -17.35
N HIS E 131 -19.82 -10.30 -17.50
CA HIS E 131 -21.13 -10.40 -16.86
C HIS E 131 -21.00 -10.32 -15.33
N VAL E 132 -20.08 -11.09 -14.76
CA VAL E 132 -19.94 -11.12 -13.30
C VAL E 132 -19.47 -9.77 -12.78
N ALA E 133 -18.55 -9.10 -13.48
CA ALA E 133 -18.00 -7.86 -12.99
C ALA E 133 -18.97 -6.69 -13.17
N ILE E 134 -19.88 -6.78 -14.14
CA ILE E 134 -20.87 -5.72 -14.30
C ILE E 134 -22.11 -5.98 -13.45
N ALA E 135 -22.31 -7.21 -12.95
CA ALA E 135 -23.44 -7.47 -12.07
C ALA E 135 -23.28 -6.82 -10.71
N LYS E 136 -22.04 -6.66 -10.23
CA LYS E 136 -21.81 -6.18 -8.87
C LYS E 136 -21.87 -4.65 -8.82
N VAL E 137 -21.83 -4.13 -7.59
CA VAL E 137 -21.97 -2.70 -7.34
C VAL E 137 -20.65 -2.21 -6.73
N LYS E 138 -19.55 -2.83 -7.14
CA LYS E 138 -18.22 -2.43 -6.71
C LYS E 138 -17.33 -2.24 -7.92
N LEU E 139 -16.40 -1.29 -7.81
CA LEU E 139 -15.55 -0.95 -8.94
C LEU E 139 -14.55 -2.06 -9.21
N TYR E 140 -14.44 -2.44 -10.49
CA TYR E 140 -13.62 -3.58 -10.92
C TYR E 140 -12.27 -3.04 -11.38
N GLY E 141 -11.29 -3.09 -10.48
CA GLY E 141 -9.98 -2.53 -10.80
C GLY E 141 -8.79 -3.32 -10.27
N SER E 142 -8.95 -4.63 -10.06
CA SER E 142 -7.88 -5.43 -9.49
C SER E 142 -6.90 -5.86 -10.57
N ASP E 143 -5.96 -6.74 -10.22
CA ASP E 143 -5.02 -7.30 -11.17
C ASP E 143 -4.83 -8.81 -11.04
N LYS E 144 -5.40 -9.43 -10.01
CA LYS E 144 -5.29 -10.88 -9.82
C LYS E 144 -6.42 -11.33 -8.92
N SER E 145 -6.84 -12.58 -9.11
CA SER E 145 -7.94 -13.16 -8.35
C SER E 145 -7.87 -14.67 -8.45
N CYS E 146 -8.91 -15.35 -7.95
CA CYS E 146 -9.03 -16.79 -8.07
C CYS E 146 -9.92 -17.22 -9.22
N ARG E 147 -10.95 -16.44 -9.53
CA ARG E 147 -11.86 -16.79 -10.63
C ARG E 147 -11.17 -16.71 -11.99
N MET E 148 -10.21 -15.80 -12.14
CA MET E 148 -9.58 -15.62 -13.45
C MET E 148 -8.61 -16.75 -13.76
N LEU E 149 -7.84 -17.20 -12.76
CA LEU E 149 -6.99 -18.36 -12.95
C LEU E 149 -7.82 -19.60 -13.20
N LEU E 150 -8.94 -19.73 -12.50
CA LEU E 150 -9.83 -20.87 -12.72
C LEU E 150 -10.39 -20.87 -14.14
N LEU E 151 -10.79 -19.70 -14.65
CA LEU E 151 -11.37 -19.64 -15.97
C LEU E 151 -10.33 -19.91 -17.06
N ILE E 152 -9.14 -19.32 -16.93
CA ILE E 152 -8.10 -19.56 -17.94
C ILE E 152 -7.63 -21.02 -17.89
N GLY E 153 -7.49 -21.57 -16.69
CA GLY E 153 -7.11 -22.96 -16.56
C GLY E 153 -8.16 -23.91 -17.12
N ALA E 154 -9.43 -23.61 -16.88
CA ALA E 154 -10.50 -24.44 -17.44
C ALA E 154 -10.52 -24.33 -18.96
N SER E 155 -10.27 -23.15 -19.50
CA SER E 155 -10.16 -22.97 -20.95
C SER E 155 -9.07 -23.87 -21.54
N TRP E 156 -7.83 -23.70 -21.05
CA TRP E 156 -6.73 -24.47 -21.60
C TRP E 156 -6.87 -25.97 -21.32
N LEU E 157 -7.48 -26.33 -20.19
CA LEU E 157 -7.63 -27.75 -19.86
C LEU E 157 -8.70 -28.41 -20.72
N ILE E 158 -9.81 -27.74 -20.97
CA ILE E 158 -10.84 -28.31 -21.83
C ILE E 158 -10.33 -28.41 -23.27
N SER E 159 -9.53 -27.44 -23.70
CA SER E 159 -8.92 -27.56 -25.03
C SER E 159 -7.93 -28.73 -25.08
N LEU E 160 -7.15 -28.92 -24.01
CA LEU E 160 -6.27 -30.07 -23.91
C LEU E 160 -7.04 -31.38 -24.02
N VAL E 161 -8.11 -31.53 -23.25
CA VAL E 161 -8.86 -32.78 -23.22
C VAL E 161 -9.55 -33.03 -24.55
N LEU E 162 -10.07 -31.97 -25.19
CA LEU E 162 -10.75 -32.16 -26.47
C LEU E 162 -9.78 -32.31 -27.63
N GLY E 163 -8.53 -31.89 -27.48
CA GLY E 163 -7.56 -32.09 -28.54
C GLY E 163 -6.78 -33.38 -28.43
N GLY E 164 -6.65 -33.89 -27.20
CA GLY E 164 -5.95 -35.14 -26.98
C GLY E 164 -6.87 -36.35 -27.08
N LEU E 165 -8.18 -36.09 -27.05
CA LEU E 165 -9.15 -37.17 -27.20
C LEU E 165 -9.06 -37.92 -28.53
N PRO E 166 -8.75 -37.27 -29.68
CA PRO E 166 -8.48 -38.09 -30.88
C PRO E 166 -7.31 -39.04 -30.73
N ILE E 167 -6.18 -38.57 -30.20
CA ILE E 167 -4.99 -39.40 -30.07
C ILE E 167 -5.15 -40.42 -28.95
N LEU E 168 -6.03 -40.15 -27.97
CA LEU E 168 -6.19 -41.00 -26.79
C LEU E 168 -6.62 -42.42 -27.14
N GLY E 169 -7.23 -42.63 -28.30
CA GLY E 169 -7.70 -43.95 -28.68
C GLY E 169 -9.00 -43.89 -29.45
N TRP E 170 -9.75 -42.81 -29.24
CA TRP E 170 -10.98 -42.59 -30.00
C TRP E 170 -10.60 -42.23 -31.43
N ASN E 171 -10.70 -43.20 -32.33
CA ASN E 171 -10.35 -43.00 -33.73
C ASN E 171 -11.25 -43.89 -34.58
N CYS E 172 -11.01 -43.85 -35.89
CA CYS E 172 -11.83 -44.59 -36.84
C CYS E 172 -11.03 -45.68 -37.55
N LEU E 173 -9.83 -45.98 -37.08
CA LEU E 173 -9.04 -47.06 -37.66
C LEU E 173 -9.66 -48.41 -37.31
N GLY E 174 -10.25 -49.07 -38.31
CA GLY E 174 -10.90 -50.36 -38.14
C GLY E 174 -12.29 -50.42 -38.72
N HIS E 175 -13.03 -49.32 -38.66
CA HIS E 175 -14.39 -49.23 -39.20
C HIS E 175 -14.33 -48.25 -40.36
N LEU E 176 -13.97 -48.74 -41.54
CA LEU E 176 -13.68 -47.89 -42.69
C LEU E 176 -14.93 -47.46 -43.45
N GLU E 177 -16.08 -48.09 -43.19
CA GLU E 177 -17.26 -47.87 -44.03
C GLU E 177 -17.86 -46.48 -43.81
N ALA E 178 -17.79 -45.96 -42.59
CA ALA E 178 -18.48 -44.72 -42.24
C ALA E 178 -17.58 -43.81 -41.44
N CYS E 179 -16.34 -43.59 -41.91
CA CYS E 179 -15.43 -42.76 -41.13
C CYS E 179 -15.75 -41.28 -41.26
N SER E 180 -15.53 -40.70 -42.45
CA SER E 180 -15.69 -39.27 -42.68
C SER E 180 -15.41 -38.89 -44.12
N THR E 181 -15.49 -37.59 -44.43
CA THR E 181 -15.11 -37.07 -45.72
C THR E 181 -14.01 -36.01 -45.67
N VAL E 182 -13.97 -35.20 -44.61
CA VAL E 182 -12.94 -34.17 -44.48
C VAL E 182 -11.96 -34.46 -43.34
N LEU E 183 -12.41 -35.08 -42.26
CA LEU E 183 -11.52 -35.53 -41.19
C LEU E 183 -11.53 -37.05 -41.18
N PRO E 184 -10.85 -37.70 -42.12
CA PRO E 184 -11.15 -39.10 -42.46
C PRO E 184 -10.86 -40.12 -41.37
N LEU E 185 -10.24 -39.74 -40.26
CA LEU E 185 -10.00 -40.67 -39.15
C LEU E 185 -10.77 -40.26 -37.90
N TYR E 186 -11.92 -39.62 -38.09
CA TYR E 186 -12.78 -39.20 -36.98
C TYR E 186 -14.14 -39.85 -37.18
N ALA E 187 -14.57 -40.64 -36.20
CA ALA E 187 -15.65 -41.60 -36.41
C ALA E 187 -17.04 -41.03 -36.07
N LYS E 188 -17.36 -39.86 -36.62
CA LYS E 188 -18.73 -39.34 -36.72
C LYS E 188 -19.43 -39.09 -35.39
N HIS E 189 -18.74 -39.26 -34.28
CA HIS E 189 -19.31 -39.00 -32.97
C HIS E 189 -18.54 -37.95 -32.18
N TYR E 190 -17.21 -37.93 -32.31
CA TYR E 190 -16.44 -36.79 -31.83
C TYR E 190 -16.88 -35.51 -32.53
N VAL E 191 -17.29 -35.62 -33.80
CA VAL E 191 -17.84 -34.47 -34.50
C VAL E 191 -19.15 -34.02 -33.86
N LEU E 192 -20.02 -34.97 -33.51
CA LEU E 192 -21.24 -34.64 -32.78
C LEU E 192 -20.93 -33.94 -31.47
N CYS E 193 -19.92 -34.43 -30.75
CA CYS E 193 -19.54 -33.84 -29.47
C CYS E 193 -19.07 -32.40 -29.66
N VAL E 194 -18.19 -32.15 -30.63
CA VAL E 194 -17.63 -30.81 -30.77
C VAL E 194 -18.70 -29.84 -31.29
N VAL E 195 -19.61 -30.29 -32.16
CA VAL E 195 -20.67 -29.40 -32.62
C VAL E 195 -21.64 -29.09 -31.48
N THR E 196 -21.94 -30.07 -30.62
CA THR E 196 -22.80 -29.81 -29.47
C THR E 196 -22.16 -28.80 -28.51
N ILE E 197 -20.88 -29.01 -28.19
CA ILE E 197 -20.20 -28.10 -27.27
C ILE E 197 -20.09 -26.70 -27.87
N PHE E 198 -19.85 -26.61 -29.18
CA PHE E 198 -19.76 -25.29 -29.81
C PHE E 198 -21.10 -24.57 -29.82
N SER E 199 -22.20 -25.31 -30.05
CA SER E 199 -23.51 -24.71 -29.96
C SER E 199 -23.79 -24.21 -28.55
N ILE E 200 -23.40 -24.98 -27.54
CA ILE E 200 -23.59 -24.57 -26.15
C ILE E 200 -22.80 -23.30 -25.84
N ILE E 201 -21.55 -23.24 -26.32
CA ILE E 201 -20.71 -22.06 -26.08
C ILE E 201 -21.29 -20.83 -26.77
N LEU E 202 -21.78 -20.99 -28.00
CA LEU E 202 -22.37 -19.87 -28.72
C LEU E 202 -23.63 -19.37 -28.01
N LEU E 203 -24.46 -20.28 -27.51
CA LEU E 203 -25.66 -19.88 -26.78
C LEU E 203 -25.29 -19.15 -25.50
N ALA E 204 -24.26 -19.62 -24.80
CA ALA E 204 -23.85 -18.97 -23.56
C ALA E 204 -23.30 -17.57 -23.83
N ILE E 205 -22.52 -17.40 -24.90
CA ILE E 205 -21.95 -16.09 -25.20
C ILE E 205 -23.04 -15.10 -25.59
N VAL E 206 -23.97 -15.52 -26.44
CA VAL E 206 -25.02 -14.59 -26.86
C VAL E 206 -25.96 -14.27 -25.68
N ALA E 207 -26.21 -15.23 -24.80
CA ALA E 207 -27.06 -14.97 -23.64
C ALA E 207 -26.39 -14.00 -22.68
N LEU E 208 -25.08 -14.20 -22.42
CA LEU E 208 -24.36 -13.30 -21.53
C LEU E 208 -24.34 -11.88 -22.07
N TYR E 209 -24.07 -11.70 -23.36
CA TYR E 209 -23.98 -10.33 -23.87
C TYR E 209 -25.35 -9.68 -23.99
N VAL E 210 -26.40 -10.45 -24.28
CA VAL E 210 -27.75 -9.89 -24.29
C VAL E 210 -28.14 -9.46 -22.88
N ARG E 211 -27.81 -10.26 -21.88
CA ARG E 211 -28.15 -9.89 -20.50
C ARG E 211 -27.35 -8.68 -20.03
N ILE E 212 -26.08 -8.58 -20.45
CA ILE E 212 -25.29 -7.39 -20.14
C ILE E 212 -25.93 -6.14 -20.73
N TYR E 213 -26.37 -6.23 -22.00
CA TYR E 213 -27.02 -5.08 -22.61
C TYR E 213 -28.32 -4.72 -21.89
N CYS E 214 -29.10 -5.73 -21.49
CA CYS E 214 -30.34 -5.45 -20.77
C CYS E 214 -30.07 -4.80 -19.41
N VAL E 215 -28.99 -5.23 -18.74
CA VAL E 215 -28.64 -4.66 -17.44
C VAL E 215 -28.23 -3.20 -17.59
N VAL E 216 -27.41 -2.89 -18.61
CA VAL E 216 -27.05 -1.49 -18.81
C VAL E 216 -28.25 -0.68 -19.30
N ARG E 217 -29.23 -1.34 -19.94
CA ARG E 217 -30.45 -0.65 -20.32
C ARG E 217 -31.32 -0.35 -19.11
N SER E 218 -31.19 -1.15 -18.04
CA SER E 218 -31.97 -0.90 -16.83
C SER E 218 -31.58 0.44 -16.19
N SER E 219 -30.29 0.76 -16.20
CA SER E 219 -29.82 2.03 -15.64
C SER E 219 -29.72 3.10 -16.72
N GLN E 227 -26.18 7.88 -21.55
CA GLN E 227 -25.29 8.66 -22.40
C GLN E 227 -24.47 7.75 -23.31
N THR E 228 -24.35 6.48 -22.93
CA THR E 228 -23.57 5.51 -23.67
C THR E 228 -24.38 4.28 -24.08
N LEU E 229 -25.69 4.27 -23.81
CA LEU E 229 -26.51 3.13 -24.22
C LEU E 229 -26.66 3.05 -25.73
N ALA E 230 -26.50 4.18 -26.43
CA ALA E 230 -26.54 4.18 -27.88
C ALA E 230 -25.27 3.63 -28.51
N LEU E 231 -24.20 3.50 -27.74
CA LEU E 231 -22.95 2.93 -28.23
C LEU E 231 -22.67 1.54 -27.69
N LEU E 232 -23.22 1.19 -26.53
CA LEU E 232 -23.03 -0.15 -26.02
C LEU E 232 -23.71 -1.18 -26.90
N LYS E 233 -24.84 -0.83 -27.50
CA LYS E 233 -25.48 -1.76 -28.43
C LYS E 233 -24.67 -1.89 -29.71
N THR E 234 -24.04 -0.79 -30.15
CA THR E 234 -23.16 -0.86 -31.32
C THR E 234 -21.94 -1.72 -31.05
N VAL E 235 -21.44 -1.71 -29.81
CA VAL E 235 -20.29 -2.56 -29.47
C VAL E 235 -20.73 -4.01 -29.24
N THR E 236 -21.94 -4.23 -28.73
CA THR E 236 -22.40 -5.58 -28.43
C THR E 236 -23.05 -6.25 -29.63
N ILE E 237 -23.29 -5.51 -30.72
CA ILE E 237 -23.78 -6.10 -31.95
C ILE E 237 -22.59 -6.53 -32.78
N VAL E 238 -21.41 -6.55 -32.16
CA VAL E 238 -20.21 -7.11 -32.76
C VAL E 238 -19.99 -8.54 -32.25
N LEU E 239 -21.07 -9.19 -31.77
CA LEU E 239 -21.18 -10.64 -31.87
C LEU E 239 -21.41 -11.08 -33.29
N GLY E 240 -21.75 -10.14 -34.18
CA GLY E 240 -21.89 -10.46 -35.59
C GLY E 240 -20.63 -11.02 -36.19
N VAL E 241 -19.47 -10.46 -35.83
CA VAL E 241 -18.20 -10.97 -36.36
C VAL E 241 -17.97 -12.41 -35.90
N PHE E 242 -18.27 -12.70 -34.64
CA PHE E 242 -18.09 -14.06 -34.11
C PHE E 242 -19.02 -15.04 -34.83
N ILE E 243 -20.29 -14.64 -35.01
CA ILE E 243 -21.25 -15.56 -35.61
C ILE E 243 -20.96 -15.78 -37.09
N VAL E 244 -20.78 -14.69 -37.85
CA VAL E 244 -20.56 -14.84 -39.29
C VAL E 244 -19.14 -15.31 -39.61
N CYS E 245 -18.26 -15.40 -38.62
CA CYS E 245 -16.94 -15.94 -38.87
C CYS E 245 -16.78 -17.38 -38.39
N TRP E 246 -17.58 -17.81 -37.42
CA TRP E 246 -17.56 -19.20 -36.98
C TRP E 246 -18.71 -20.01 -37.55
N LEU E 247 -19.59 -19.40 -38.34
CA LEU E 247 -20.70 -20.11 -38.98
C LEU E 247 -20.30 -21.11 -40.06
N PRO E 248 -19.33 -20.82 -40.94
CA PRO E 248 -18.97 -21.86 -41.94
C PRO E 248 -18.41 -23.13 -41.33
N ALA E 249 -17.64 -23.04 -40.25
CA ALA E 249 -17.12 -24.25 -39.60
C ALA E 249 -18.26 -25.09 -39.04
N PHE E 250 -19.17 -24.45 -38.30
CA PHE E 250 -20.34 -25.13 -37.77
C PHE E 250 -21.16 -25.78 -38.87
N SER E 251 -21.37 -25.04 -39.97
CA SER E 251 -22.16 -25.55 -41.08
C SER E 251 -21.51 -26.76 -41.74
N ILE E 252 -20.20 -26.69 -41.99
CA ILE E 252 -19.51 -27.79 -42.66
C ILE E 252 -19.46 -29.03 -41.76
N LEU E 253 -19.22 -28.84 -40.47
CA LEU E 253 -19.19 -29.99 -39.57
C LEU E 253 -20.56 -30.63 -39.44
N LEU E 254 -21.62 -29.83 -39.32
CA LEU E 254 -22.95 -30.39 -39.21
C LEU E 254 -23.38 -31.06 -40.51
N LEU E 255 -22.95 -30.52 -41.65
CA LEU E 255 -23.27 -31.15 -42.92
C LEU E 255 -22.49 -32.43 -43.13
N ASP E 256 -21.25 -32.49 -42.61
CA ASP E 256 -20.49 -33.73 -42.63
C ASP E 256 -21.18 -34.80 -41.80
N TYR E 257 -21.65 -34.44 -40.60
CA TYR E 257 -22.36 -35.43 -39.79
C TYR E 257 -23.70 -35.81 -40.41
N ALA E 258 -24.33 -34.88 -41.14
CA ALA E 258 -25.63 -35.17 -41.73
C ALA E 258 -25.51 -35.98 -43.02
N CYS E 259 -24.55 -35.66 -43.88
CA CYS E 259 -24.40 -36.41 -45.12
C CYS E 259 -23.74 -37.76 -44.84
N PRO E 260 -24.21 -38.83 -45.49
CA PRO E 260 -23.47 -40.10 -45.43
C PRO E 260 -22.25 -40.09 -46.36
N VAL E 261 -21.55 -41.22 -46.45
CA VAL E 261 -20.32 -41.26 -47.24
C VAL E 261 -20.67 -41.25 -48.72
N HIS E 262 -19.85 -40.53 -49.51
CA HIS E 262 -20.00 -40.40 -50.96
C HIS E 262 -21.38 -39.89 -51.35
N SER E 263 -21.89 -38.93 -50.58
CA SER E 263 -23.21 -38.35 -50.83
C SER E 263 -23.13 -36.88 -51.20
N CYS E 264 -22.53 -36.05 -50.36
CA CYS E 264 -22.47 -34.62 -50.59
C CYS E 264 -21.13 -34.25 -51.20
N PRO E 265 -21.09 -33.59 -52.36
CA PRO E 265 -19.83 -33.36 -53.06
C PRO E 265 -19.12 -32.04 -52.77
N ILE E 266 -19.53 -31.30 -51.75
CA ILE E 266 -18.98 -29.97 -51.51
C ILE E 266 -17.84 -29.97 -50.48
N LEU E 267 -17.66 -31.05 -49.73
CA LEU E 267 -16.71 -31.04 -48.63
C LEU E 267 -15.26 -31.18 -49.07
N TYR E 268 -15.00 -31.43 -50.35
CA TYR E 268 -13.62 -31.52 -50.81
C TYR E 268 -12.91 -30.17 -50.74
N LYS E 269 -13.66 -29.08 -50.84
CA LYS E 269 -13.14 -27.74 -50.60
C LYS E 269 -13.35 -27.29 -49.16
N ALA E 270 -13.67 -28.23 -48.25
CA ALA E 270 -14.13 -27.89 -46.92
C ALA E 270 -13.06 -27.16 -46.11
N HIS E 271 -11.78 -27.51 -46.33
CA HIS E 271 -10.70 -26.82 -45.63
C HIS E 271 -10.70 -25.33 -45.94
N TYR E 272 -11.10 -24.96 -47.18
CA TYR E 272 -11.28 -23.54 -47.50
C TYR E 272 -12.26 -22.88 -46.55
N PHE E 273 -13.38 -23.56 -46.25
CA PHE E 273 -14.32 -23.05 -45.26
C PHE E 273 -13.65 -22.91 -43.90
N PHE E 274 -12.78 -23.87 -43.55
CA PHE E 274 -12.05 -23.77 -42.29
C PHE E 274 -11.08 -22.60 -42.29
N ALA E 275 -10.70 -22.10 -43.47
CA ALA E 275 -9.91 -20.86 -43.50
C ALA E 275 -10.68 -19.72 -42.88
N VAL E 276 -11.99 -19.65 -43.10
CA VAL E 276 -12.82 -18.65 -42.45
C VAL E 276 -12.73 -18.78 -40.94
N SER E 277 -12.49 -20.01 -40.45
CA SER E 277 -12.35 -20.25 -39.02
C SER E 277 -11.21 -19.45 -38.39
N THR E 278 -10.17 -19.09 -39.14
CA THR E 278 -9.11 -18.29 -38.54
C THR E 278 -9.26 -16.81 -38.83
N LEU E 279 -10.23 -16.42 -39.65
CA LEU E 279 -10.44 -14.99 -39.90
C LEU E 279 -10.92 -14.28 -38.65
N ASN E 280 -11.64 -14.98 -37.77
CA ASN E 280 -11.95 -14.45 -36.43
C ASN E 280 -10.67 -14.12 -35.68
N SER E 281 -9.66 -14.97 -35.80
CA SER E 281 -8.39 -14.69 -35.14
C SER E 281 -7.69 -13.47 -35.73
N LEU E 282 -8.13 -12.99 -36.90
CA LEU E 282 -7.67 -11.72 -37.42
C LEU E 282 -8.32 -10.53 -36.74
N LEU E 283 -9.57 -10.65 -36.31
CA LEU E 283 -10.36 -9.49 -35.95
C LEU E 283 -10.56 -9.29 -34.45
N ASN E 284 -10.24 -10.27 -33.62
CA ASN E 284 -10.29 -10.06 -32.18
C ASN E 284 -9.28 -9.03 -31.67
N PRO E 285 -8.03 -8.96 -32.17
CA PRO E 285 -7.13 -7.89 -31.69
C PRO E 285 -7.55 -6.48 -32.09
N VAL E 286 -8.36 -6.31 -33.14
CA VAL E 286 -8.72 -4.98 -33.59
C VAL E 286 -10.03 -4.50 -32.97
N ILE E 287 -10.83 -5.39 -32.39
CA ILE E 287 -12.09 -5.03 -31.77
C ILE E 287 -11.96 -4.90 -30.26
N TYR E 288 -11.32 -5.87 -29.61
CA TYR E 288 -11.13 -5.82 -28.17
C TYR E 288 -10.09 -4.80 -27.74
N THR E 289 -9.36 -4.20 -28.70
CA THR E 289 -8.50 -3.06 -28.45
C THR E 289 -8.73 -2.15 -29.66
N TRP E 290 -9.64 -1.20 -29.52
CA TRP E 290 -10.10 -0.40 -30.64
C TRP E 290 -9.13 0.76 -30.93
C1 S1P F . -7.02 -30.35 -44.95
O1 S1P F . -5.98 -30.93 -45.60
C2 S1P F . -6.71 -30.32 -43.38
N2 S1P F . -7.70 -31.17 -42.71
C3 S1P F . -6.77 -28.91 -42.69
O3 S1P F . -5.57 -28.23 -42.81
C4 S1P F . -6.97 -28.97 -41.19
C5 S1P F . -8.04 -29.48 -40.58
C6 S1P F . -8.19 -29.53 -39.08
C7 S1P F . -9.64 -29.72 -38.56
C8 S1P F . -10.10 -28.73 -37.46
C9 S1P F . -11.60 -28.79 -37.08
C10 S1P F . -12.21 -27.46 -36.54
C11 S1P F . -12.46 -27.38 -35.02
C12 S1P F . -13.18 -26.11 -34.52
C13 S1P F . -13.73 -26.19 -33.06
C14 S1P F . -13.52 -24.95 -32.17
C15 S1P F . -13.72 -25.19 -30.68
C16 S1P F . -14.96 -26.02 -30.32
C17 S1P F . -15.47 -25.76 -28.91
C18 S1P F . -14.51 -26.14 -27.80
P22 S1P F . -6.32 -32.39 -46.70
O23 S1P F . -6.11 -33.53 -45.72
O24 S1P F . -7.75 -32.14 -47.10
O25 S1P F . -5.25 -32.23 -47.76
#